data_2YA0
#
_entry.id   2YA0
#
_cell.length_a   57.574
_cell.length_b   75.196
_cell.length_c   87.038
_cell.angle_alpha   90.00
_cell.angle_beta   97.31
_cell.angle_gamma   90.00
#
_symmetry.space_group_name_H-M   'P 1 21 1'
#
loop_
_entity.id
_entity.type
_entity.pdbx_description
1 polymer 'PUTATIVE ALKALINE AMYLOPULLULANASE'
2 non-polymer 'CALCIUM ION'
3 non-polymer GLYCEROL
4 non-polymer 'SODIUM ION'
5 water water
#
_entity_poly.entity_id   1
_entity_poly.type   'polypeptide(L)'
_entity_poly.pdbx_seq_one_letter_code
;SWRLKDETYSYDGKLGADLKEEGKQVDLTLWSPSADKVSVVVYDKNDPDKVVGTVALEKGERGTWKQTLDSTNKLGITDF
TGYYYQYQIERQGKTVLALDPYAKSLAAWNSDDSKIDDAHKVAKAAFVDPAKLGPQDLTYGKIHNFKTREDAVIYEAHVR
DFTSDPAIAKDLTKPFGTFEAFIEKLDYLKDLGVTHIQLLPVLSYYFVNELKNHERLSDYASSNSNYNWGYDPQNYFSLT
GMYSSDPKNPEKRIAEFKNLINEIHKRGMGAILDVVYNHTAKVDLFEDLEPNYYHFMDADGTPRTSFGGGRLGTTHHMTK
RLLIDSIKYLVDTYKVDGFRFDMMGDHDAASIEEAYKAARALNPNLIMLGEGWRTYAGDENMPTKAADQDWMKHTDTVAV
FSDDIRNNLKSGYPNEGQPAFITGGKRDVNTIFKNLIAQPTNFEADSPGDVIQYIAAHDNLTLFDIIAQSIKKDPSKAEN
YAEIHRRLRLGNLMVLTAQGTPFIHSGQEYGRTKQFRNPAYRTPVAEDKVPNKSHLLRDKDGNPFDYPYFIHDSYDSSDA
VNKFDWTKATDGKAYPENVKSRDYMKGLIALRQSTDAFRLKSLQDIKDRVHLITVPGQNGVEKEDVVIGYQITAPNGDIY
AVFVNADEKAREFNLGTAFAHLRNAEVLADENQAGPVGIANPKGLEWTEKGLKLNALTATVLRVSQNGTSHEST
;
_entity_poly.pdbx_strand_id   A
#
# COMPACT_ATOMS: atom_id res chain seq x y z
N SER A 1 8.24 -9.88 -33.60
CA SER A 1 7.43 -10.72 -32.64
C SER A 1 8.25 -10.95 -31.34
N TRP A 2 7.65 -10.68 -30.19
CA TRP A 2 8.36 -10.82 -28.92
C TRP A 2 8.65 -12.31 -28.68
N ARG A 3 7.74 -13.18 -29.10
CA ARG A 3 7.92 -14.63 -28.89
C ARG A 3 9.11 -15.18 -29.69
N LEU A 4 9.28 -14.71 -30.92
CA LEU A 4 10.45 -15.08 -31.72
C LEU A 4 11.74 -14.48 -31.15
N LYS A 5 11.68 -13.22 -30.66
CA LYS A 5 12.83 -12.57 -30.02
C LYS A 5 13.33 -13.34 -28.81
N ASP A 6 12.39 -13.83 -28.02
CA ASP A 6 12.68 -14.77 -26.93
C ASP A 6 13.39 -16.05 -27.36
N GLU A 7 12.95 -16.68 -28.44
CA GLU A 7 13.65 -17.95 -28.83
C GLU A 7 15.10 -17.65 -29.19
N THR A 8 15.33 -16.52 -29.85
CA THR A 8 16.66 -16.17 -30.33
C THR A 8 17.53 -15.36 -29.35
N TYR A 9 16.91 -14.56 -28.47
CA TYR A 9 17.74 -13.67 -27.60
C TYR A 9 17.39 -13.67 -26.10
N SER A 10 16.66 -14.68 -25.64
CA SER A 10 16.33 -14.80 -24.22
C SER A 10 17.68 -14.98 -23.53
N TYR A 11 17.98 -14.10 -22.56
CA TYR A 11 19.26 -14.05 -21.88
C TYR A 11 18.96 -14.16 -20.41
N ASP A 12 19.61 -15.12 -19.75
CA ASP A 12 19.45 -15.35 -18.32
C ASP A 12 20.65 -14.95 -17.47
N GLY A 13 21.68 -14.35 -18.08
CA GLY A 13 22.87 -13.88 -17.38
C GLY A 13 22.65 -12.58 -16.58
N LYS A 14 23.69 -12.13 -15.88
CA LYS A 14 23.57 -10.91 -15.09
C LYS A 14 23.34 -9.70 -15.99
N LEU A 15 22.57 -8.74 -15.50
CA LEU A 15 22.34 -7.45 -16.15
C LEU A 15 22.70 -6.36 -15.18
N GLY A 16 23.02 -5.17 -15.67
CA GLY A 16 23.24 -4.02 -14.85
C GLY A 16 24.71 -3.67 -14.80
N ALA A 17 25.06 -2.80 -13.86
CA ALA A 17 26.43 -2.27 -13.74
C ALA A 17 26.93 -2.66 -12.36
N ASP A 18 27.93 -3.53 -12.32
CA ASP A 18 28.38 -4.02 -11.03
CA ASP A 18 28.45 -4.11 -11.09
C ASP A 18 29.73 -3.37 -10.73
N LEU A 19 29.69 -2.56 -9.66
CA LEU A 19 30.83 -1.75 -9.26
C LEU A 19 31.79 -2.73 -8.55
N LYS A 20 33.05 -2.83 -9.01
CA LYS A 20 34.02 -3.91 -8.59
C LYS A 20 35.31 -3.30 -8.06
N GLU A 21 35.99 -3.99 -7.13
CA GLU A 21 37.37 -3.58 -6.74
C GLU A 21 37.41 -2.28 -6.00
N GLU A 22 36.56 -2.16 -4.99
CA GLU A 22 36.39 -0.91 -4.27
C GLU A 22 36.25 0.30 -5.23
N GLY A 23 35.59 0.09 -6.37
CA GLY A 23 35.25 1.18 -7.25
C GLY A 23 36.16 1.34 -8.43
N LYS A 24 37.24 0.53 -8.51
CA LYS A 24 38.23 0.70 -9.57
C LYS A 24 37.74 0.19 -10.90
N GLN A 25 36.73 -0.68 -10.88
CA GLN A 25 36.19 -1.20 -12.13
C GLN A 25 34.72 -1.26 -12.08
N VAL A 26 34.12 -1.23 -13.27
CA VAL A 26 32.67 -1.51 -13.39
C VAL A 26 32.46 -2.48 -14.55
N ASP A 27 31.72 -3.56 -14.32
CA ASP A 27 31.24 -4.43 -15.39
C ASP A 27 29.80 -4.05 -15.83
N LEU A 28 29.60 -3.84 -17.14
CA LEU A 28 28.31 -3.32 -17.69
C LEU A 28 27.73 -4.38 -18.54
N THR A 29 26.45 -4.68 -18.38
CA THR A 29 25.72 -5.53 -19.33
C THR A 29 24.34 -4.94 -19.63
N LEU A 30 24.01 -4.80 -20.90
CA LEU A 30 22.74 -4.33 -21.34
C LEU A 30 22.17 -5.33 -22.35
N TRP A 31 20.87 -5.61 -22.27
CA TRP A 31 20.24 -6.43 -23.32
C TRP A 31 19.69 -5.47 -24.37
N SER A 32 20.16 -5.55 -25.61
CA SER A 32 19.57 -4.70 -26.67
C SER A 32 19.83 -5.37 -28.03
N PRO A 33 19.14 -6.50 -28.29
CA PRO A 33 19.49 -7.32 -29.48
C PRO A 33 19.38 -6.59 -30.85
N SER A 34 18.50 -5.61 -30.96
CA SER A 34 18.36 -4.92 -32.25
C SER A 34 19.34 -3.80 -32.46
N ALA A 35 20.22 -3.55 -31.49
CA ALA A 35 21.12 -2.40 -31.59
C ALA A 35 22.22 -2.64 -32.64
N ASP A 36 22.59 -1.60 -33.39
CA ASP A 36 23.78 -1.62 -34.27
C ASP A 36 25.01 -1.28 -33.44
N LYS A 37 24.90 -0.32 -32.53
CA LYS A 37 25.98 0.02 -31.58
C LYS A 37 25.36 0.45 -30.25
N VAL A 38 26.15 0.40 -29.21
CA VAL A 38 25.78 0.76 -27.85
C VAL A 38 27.06 1.26 -27.20
N SER A 39 27.00 2.50 -26.69
CA SER A 39 28.04 3.05 -25.88
C SER A 39 27.46 3.47 -24.56
N VAL A 40 28.35 3.54 -23.57
CA VAL A 40 27.98 4.13 -22.30
C VAL A 40 28.45 5.57 -22.22
N VAL A 41 27.57 6.49 -21.85
CA VAL A 41 27.99 7.89 -21.69
C VAL A 41 28.18 8.10 -20.20
N VAL A 42 29.36 8.58 -19.79
CA VAL A 42 29.60 8.69 -18.35
C VAL A 42 29.51 10.17 -18.02
N TYR A 43 28.68 10.51 -17.02
CA TYR A 43 28.55 11.88 -16.53
C TYR A 43 29.23 12.11 -15.20
N ASP A 44 29.72 13.33 -15.01
CA ASP A 44 30.48 13.66 -13.83
C ASP A 44 29.68 13.55 -12.51
N LYS A 45 30.28 13.01 -11.47
CA LYS A 45 29.59 12.82 -10.17
C LYS A 45 29.27 14.10 -9.47
N ASN A 46 30.07 15.14 -9.74
CA ASN A 46 29.81 16.44 -9.15
C ASN A 46 28.89 17.37 -9.98
N ASP A 47 28.81 17.16 -11.28
CA ASP A 47 28.06 18.02 -12.18
C ASP A 47 27.50 17.05 -13.21
N PRO A 48 26.30 16.45 -12.93
CA PRO A 48 25.84 15.39 -13.82
C PRO A 48 25.52 15.85 -15.23
N ASP A 49 25.39 17.16 -15.45
CA ASP A 49 25.20 17.70 -16.83
C ASP A 49 26.43 17.41 -17.73
N LYS A 50 27.62 17.36 -17.13
CA LYS A 50 28.87 17.21 -17.86
C LYS A 50 29.20 15.80 -18.23
N VAL A 51 29.38 15.57 -19.54
CA VAL A 51 29.75 14.27 -20.06
C VAL A 51 31.26 14.14 -19.75
N VAL A 52 31.67 13.08 -19.09
CA VAL A 52 33.11 12.91 -18.94
C VAL A 52 33.68 12.07 -20.08
N GLY A 53 32.84 11.38 -20.84
CA GLY A 53 33.40 10.47 -21.84
C GLY A 53 32.40 9.42 -22.21
N THR A 54 32.68 8.77 -23.33
CA THR A 54 31.80 7.80 -23.95
C THR A 54 32.66 6.57 -24.30
N VAL A 55 32.20 5.35 -23.95
CA VAL A 55 33.01 4.12 -24.13
C VAL A 55 32.17 3.10 -24.87
N ALA A 56 32.66 2.55 -25.97
CA ALA A 56 31.82 1.59 -26.75
C ALA A 56 31.66 0.28 -26.00
N LEU A 57 30.46 -0.29 -26.00
CA LEU A 57 30.29 -1.68 -25.54
C LEU A 57 30.48 -2.67 -26.71
N GLU A 58 30.74 -3.92 -26.41
CA GLU A 58 30.77 -4.92 -27.47
C GLU A 58 29.70 -6.02 -27.29
N LYS A 59 29.44 -6.73 -28.39
CA LYS A 59 28.34 -7.65 -28.41
C LYS A 59 28.64 -8.86 -27.56
N GLY A 60 27.65 -9.30 -26.82
CA GLY A 60 27.79 -10.50 -26.05
C GLY A 60 26.75 -11.48 -26.50
N GLU A 61 26.63 -12.54 -25.73
CA GLU A 61 25.64 -13.58 -26.05
C GLU A 61 24.21 -13.11 -25.92
N ARG A 62 23.36 -13.72 -26.75
CA ARG A 62 21.90 -13.57 -26.71
C ARG A 62 21.48 -12.12 -26.66
N GLY A 63 22.02 -11.30 -27.56
CA GLY A 63 21.54 -9.96 -27.71
C GLY A 63 22.03 -8.94 -26.69
N THR A 64 22.99 -9.29 -25.85
CA THR A 64 23.49 -8.35 -24.84
C THR A 64 24.62 -7.57 -25.40
N TRP A 65 24.97 -6.49 -24.68
CA TRP A 65 26.13 -5.67 -24.90
C TRP A 65 26.87 -5.58 -23.58
N LYS A 66 28.19 -5.52 -23.65
CA LYS A 66 29.03 -5.63 -22.45
CA LYS A 66 29.04 -5.67 -22.48
C LYS A 66 30.31 -4.84 -22.55
N GLN A 67 30.80 -4.41 -21.40
CA GLN A 67 32.07 -3.66 -21.32
C GLN A 67 32.57 -3.67 -19.88
N THR A 68 33.88 -3.63 -19.68
CA THR A 68 34.47 -3.36 -18.37
C THR A 68 35.17 -1.99 -18.35
N LEU A 69 34.79 -1.10 -17.43
CA LEU A 69 35.53 0.17 -17.31
C LEU A 69 36.52 -0.04 -16.17
N ASP A 70 37.76 0.36 -16.35
CA ASP A 70 38.80 0.05 -15.31
C ASP A 70 39.90 1.07 -15.26
N SER A 71 40.95 0.74 -14.49
CA SER A 71 42.26 1.45 -14.49
C SER A 71 42.62 2.12 -15.79
N THR A 72 42.29 1.47 -16.89
CA THR A 72 42.89 1.76 -18.16
C THR A 72 42.03 2.73 -18.91
N ASN A 73 41.00 3.24 -18.24
CA ASN A 73 40.03 4.19 -18.89
C ASN A 73 40.76 5.48 -19.26
N LYS A 74 40.31 6.22 -20.24
CA LYS A 74 40.97 7.53 -20.38
CA LYS A 74 40.88 7.54 -20.59
C LYS A 74 39.92 8.63 -20.10
N LEU A 75 39.13 8.28 -19.09
CA LEU A 75 38.10 9.17 -18.52
C LEU A 75 38.65 10.01 -17.39
N GLY A 76 39.84 9.67 -16.89
CA GLY A 76 40.41 10.39 -15.72
C GLY A 76 39.66 10.06 -14.45
N ILE A 77 39.24 8.79 -14.32
CA ILE A 77 38.54 8.27 -13.13
C ILE A 77 39.29 7.14 -12.47
N THR A 78 39.52 7.22 -11.16
CA THR A 78 40.12 6.11 -10.43
C THR A 78 39.18 5.40 -9.49
N ASP A 79 38.06 6.03 -9.16
CA ASP A 79 36.99 5.39 -8.39
C ASP A 79 35.67 5.76 -9.10
N PHE A 80 34.99 4.75 -9.64
CA PHE A 80 33.70 5.01 -10.36
C PHE A 80 32.48 5.34 -9.50
N THR A 81 32.57 5.12 -8.20
CA THR A 81 31.46 5.28 -7.28
C THR A 81 30.84 6.67 -7.40
N GLY A 82 29.54 6.73 -7.67
CA GLY A 82 28.89 8.04 -7.72
C GLY A 82 28.88 8.69 -9.06
N TYR A 83 29.68 8.20 -10.03
CA TYR A 83 29.61 8.74 -11.40
C TYR A 83 28.31 8.24 -11.99
N TYR A 84 27.78 8.90 -13.03
CA TYR A 84 26.50 8.57 -13.55
C TYR A 84 26.65 8.09 -15.02
N TYR A 85 25.59 7.48 -15.56
CA TYR A 85 25.68 6.99 -16.90
C TYR A 85 24.31 6.80 -17.55
N GLN A 86 24.36 6.80 -18.86
CA GLN A 86 23.21 6.40 -19.71
C GLN A 86 23.79 5.63 -20.89
N TYR A 87 22.91 4.88 -21.57
CA TYR A 87 23.36 4.14 -22.74
C TYR A 87 22.98 4.89 -24.01
N GLN A 88 23.92 5.01 -24.94
CA GLN A 88 23.67 5.69 -26.21
C GLN A 88 23.54 4.56 -27.22
N ILE A 89 22.36 4.40 -27.77
CA ILE A 89 22.04 3.22 -28.53
C ILE A 89 21.74 3.69 -29.93
N GLU A 90 22.42 3.07 -30.89
CA GLU A 90 22.22 3.41 -32.29
C GLU A 90 21.49 2.34 -33.10
N ARG A 91 20.43 2.72 -33.80
CA ARG A 91 19.64 1.84 -34.66
C ARG A 91 19.28 2.57 -35.95
N GLN A 92 19.61 1.94 -37.09
CA GLN A 92 19.21 2.52 -38.40
CA GLN A 92 19.34 2.49 -38.44
C GLN A 92 19.64 4.00 -38.54
N GLY A 93 20.86 4.32 -38.13
CA GLY A 93 21.33 5.72 -38.15
C GLY A 93 20.76 6.68 -37.11
N LYS A 94 19.81 6.22 -36.30
CA LYS A 94 19.21 7.07 -35.24
C LYS A 94 19.77 6.69 -33.85
N THR A 95 19.99 7.71 -33.02
CA THR A 95 20.67 7.52 -31.74
C THR A 95 19.70 7.93 -30.61
N VAL A 96 19.55 7.12 -29.58
CA VAL A 96 18.80 7.50 -28.37
C VAL A 96 19.67 7.37 -27.09
N LEU A 97 19.34 8.13 -26.05
CA LEU A 97 19.94 7.97 -24.71
C LEU A 97 18.89 7.22 -23.83
N ALA A 98 19.31 6.11 -23.24
CA ALA A 98 18.38 5.25 -22.54
C ALA A 98 18.88 5.06 -21.08
N LEU A 99 17.94 4.86 -20.15
CA LEU A 99 18.25 4.48 -18.75
C LEU A 99 18.48 3.00 -18.59
N ASP A 100 19.59 2.62 -17.94
CA ASP A 100 19.83 1.21 -17.58
C ASP A 100 18.61 0.69 -16.79
N PRO A 101 17.85 -0.27 -17.35
CA PRO A 101 16.71 -0.75 -16.54
C PRO A 101 17.11 -1.44 -15.17
N TYR A 102 18.40 -1.76 -15.01
CA TYR A 102 18.87 -2.42 -13.76
C TYR A 102 19.70 -1.45 -12.91
N ALA A 103 19.63 -0.16 -13.26
CA ALA A 103 20.28 0.91 -12.43
C ALA A 103 20.02 0.68 -10.93
N LYS A 104 21.04 0.75 -10.09
CA LYS A 104 20.82 0.54 -8.65
C LYS A 104 20.57 1.86 -7.89
N SER A 105 21.02 2.99 -8.49
CA SER A 105 20.61 4.31 -8.02
C SER A 105 20.68 5.27 -9.22
N LEU A 106 20.34 6.54 -8.99
CA LEU A 106 20.12 7.53 -10.00
C LEU A 106 20.67 8.89 -9.52
N ALA A 107 21.03 9.74 -10.51
CA ALA A 107 21.22 11.18 -10.32
C ALA A 107 19.92 11.80 -9.82
N ALA A 108 20.04 12.90 -9.04
CA ALA A 108 18.86 13.69 -8.69
C ALA A 108 18.05 13.93 -9.99
N TRP A 109 16.72 13.73 -9.89
CA TRP A 109 15.91 13.72 -11.10
C TRP A 109 14.90 14.86 -10.99
N ASN A 110 14.75 15.62 -12.06
CA ASN A 110 13.79 16.71 -12.09
C ASN A 110 13.00 16.68 -13.40
N SER A 111 11.77 16.21 -13.35
CA SER A 111 11.05 16.03 -14.64
C SER A 111 10.71 17.39 -15.28
N ASP A 112 10.75 18.47 -14.47
CA ASP A 112 10.57 19.82 -15.09
C ASP A 112 11.70 20.24 -16.10
N ASP A 113 12.81 19.50 -16.11
CA ASP A 113 13.89 19.70 -17.07
C ASP A 113 13.84 18.73 -18.24
N SER A 114 12.81 17.87 -18.30
CA SER A 114 12.81 16.74 -19.25
C SER A 114 12.93 17.15 -20.74
N LYS A 115 12.54 18.37 -21.06
CA LYS A 115 12.56 18.82 -22.45
C LYS A 115 13.91 19.45 -22.86
N ILE A 116 14.74 19.81 -21.86
CA ILE A 116 16.06 20.47 -22.14
C ILE A 116 16.86 19.84 -23.29
N ASP A 117 17.06 18.52 -23.21
CA ASP A 117 17.81 17.74 -24.22
C ASP A 117 17.51 16.24 -24.03
N ASP A 118 17.98 15.39 -24.93
CA ASP A 118 17.82 13.95 -24.83
C ASP A 118 18.36 13.37 -23.48
N ALA A 119 19.51 13.86 -23.03
CA ALA A 119 20.08 13.41 -21.75
C ALA A 119 19.16 13.69 -20.54
N HIS A 120 18.23 14.64 -20.67
CA HIS A 120 17.30 14.97 -19.62
C HIS A 120 15.94 14.22 -19.77
N LYS A 121 15.70 13.49 -20.89
CA LYS A 121 14.38 12.89 -21.05
C LYS A 121 14.09 11.76 -20.07
N VAL A 122 15.17 11.12 -19.58
CA VAL A 122 15.03 10.03 -18.59
C VAL A 122 16.17 10.18 -17.61
N ALA A 123 16.08 9.53 -16.47
CA ALA A 123 17.09 9.74 -15.44
C ALA A 123 18.45 9.22 -15.87
N LYS A 124 19.47 9.65 -15.16
CA LYS A 124 20.81 9.09 -15.36
C LYS A 124 21.06 8.11 -14.25
N ALA A 125 21.59 6.93 -14.57
CA ALA A 125 21.92 5.94 -13.51
C ALA A 125 23.20 6.29 -12.76
N ALA A 126 23.39 5.72 -11.56
CA ALA A 126 24.66 5.93 -10.81
C ALA A 126 25.36 4.63 -10.55
N PHE A 127 26.70 4.63 -10.55
CA PHE A 127 27.44 3.46 -10.14
C PHE A 127 27.54 3.43 -8.64
N VAL A 128 26.94 2.40 -8.05
CA VAL A 128 26.94 2.33 -6.58
C VAL A 128 27.04 0.85 -6.24
N ASP A 129 27.44 0.62 -4.97
CA ASP A 129 27.46 -0.72 -4.39
C ASP A 129 26.61 -0.78 -3.10
N PRO A 130 25.36 -1.23 -3.21
CA PRO A 130 24.41 -1.18 -2.08
C PRO A 130 24.87 -2.01 -0.87
N ALA A 131 25.64 -3.08 -1.10
CA ALA A 131 26.02 -4.00 0.02
C ALA A 131 26.78 -3.26 1.10
N LYS A 132 27.56 -2.27 0.71
CA LYS A 132 28.43 -1.59 1.67
C LYS A 132 27.75 -0.40 2.34
N LEU A 133 26.51 -0.11 1.94
CA LEU A 133 25.80 1.04 2.48
C LEU A 133 24.85 0.61 3.59
N GLY A 134 24.69 1.47 4.57
CA GLY A 134 23.67 1.32 5.59
C GLY A 134 24.09 0.33 6.64
N PRO A 135 23.19 -0.04 7.54
CA PRO A 135 23.52 -0.98 8.64
C PRO A 135 23.86 -2.34 8.03
N GLN A 136 25.03 -2.86 8.43
CA GLN A 136 25.58 -4.07 7.83
C GLN A 136 24.94 -5.25 8.48
N ASP A 137 24.23 -5.01 9.56
CA ASP A 137 23.48 -6.11 10.20
C ASP A 137 22.00 -6.25 9.77
N LEU A 138 21.60 -5.44 8.79
CA LEU A 138 20.17 -5.53 8.29
C LEU A 138 19.81 -6.95 7.85
N THR A 139 18.70 -7.48 8.32
CA THR A 139 18.25 -8.80 7.89
C THR A 139 16.73 -8.82 7.89
N TYR A 140 16.10 -9.95 7.58
CA TYR A 140 14.61 -10.03 7.55
C TYR A 140 14.03 -9.77 8.91
N GLY A 141 12.79 -9.25 8.93
CA GLY A 141 12.08 -9.02 10.21
C GLY A 141 11.94 -10.30 11.05
N LYS A 142 11.88 -10.13 12.38
CA LYS A 142 11.39 -11.14 13.31
C LYS A 142 10.16 -10.48 13.87
N ILE A 143 9.03 -10.75 13.24
CA ILE A 143 7.86 -9.89 13.43
C ILE A 143 6.98 -10.40 14.59
N HIS A 144 6.66 -9.50 15.54
CA HIS A 144 6.00 -9.87 16.78
CA HIS A 144 5.97 -9.86 16.76
C HIS A 144 4.54 -10.17 16.37
N ASN A 145 3.95 -11.16 17.02
CA ASN A 145 2.56 -11.55 16.80
C ASN A 145 2.27 -12.05 15.40
N PHE A 146 3.23 -12.65 14.73
CA PHE A 146 2.96 -12.93 13.36
C PHE A 146 3.49 -14.30 13.07
N LYS A 147 2.66 -15.21 12.59
CA LYS A 147 3.20 -16.49 12.12
C LYS A 147 2.94 -16.78 10.63
N THR A 148 1.77 -16.39 10.11
CA THR A 148 1.36 -16.70 8.72
C THR A 148 0.51 -15.52 8.28
N ARG A 149 0.16 -15.45 6.98
CA ARG A 149 -0.61 -14.25 6.45
C ARG A 149 -1.82 -13.77 7.26
N GLU A 150 -2.69 -14.68 7.75
CA GLU A 150 -3.85 -14.24 8.50
C GLU A 150 -3.49 -13.42 9.79
N ASP A 151 -2.27 -13.55 10.29
CA ASP A 151 -1.79 -12.83 11.53
C ASP A 151 -1.28 -11.45 11.23
N ALA A 152 -1.04 -11.10 9.95
CA ALA A 152 -0.63 -9.69 9.60
C ALA A 152 -1.73 -8.65 9.92
N VAL A 153 -1.31 -7.47 10.42
CA VAL A 153 -2.16 -6.29 10.48
C VAL A 153 -1.40 -5.22 9.71
N ILE A 154 -1.92 -4.84 8.54
CA ILE A 154 -1.14 -4.02 7.62
C ILE A 154 -1.50 -2.55 7.81
N TYR A 155 -0.49 -1.67 7.70
CA TYR A 155 -0.69 -0.25 7.93
C TYR A 155 -0.10 0.46 6.74
N GLU A 156 -0.95 1.18 6.03
CA GLU A 156 -0.53 1.78 4.71
C GLU A 156 -0.13 3.26 4.83
N ALA A 157 1.18 3.58 4.70
CA ALA A 157 1.67 4.97 4.91
C ALA A 157 2.51 5.42 3.71
N HIS A 158 2.45 6.70 3.39
CA HIS A 158 3.34 7.28 2.38
C HIS A 158 4.47 7.92 3.15
N VAL A 159 5.71 7.80 2.65
CA VAL A 159 6.86 8.26 3.49
C VAL A 159 6.80 9.76 3.80
N ARG A 160 6.40 10.56 2.82
CA ARG A 160 6.32 12.06 3.06
C ARG A 160 5.22 12.43 4.02
N ASP A 161 4.02 11.88 3.79
CA ASP A 161 2.87 12.21 4.62
C ASP A 161 3.18 11.96 6.05
N PHE A 162 3.89 10.85 6.33
CA PHE A 162 3.99 10.42 7.71
C PHE A 162 4.77 11.43 8.64
N THR A 163 5.60 12.28 8.07
CA THR A 163 6.29 13.28 8.88
C THR A 163 6.24 14.69 8.26
N SER A 164 5.30 14.97 7.36
CA SER A 164 5.26 16.29 6.73
C SER A 164 4.43 17.36 7.48
N ASP A 165 3.75 16.98 8.55
CA ASP A 165 2.98 17.91 9.37
C ASP A 165 3.95 18.95 9.98
N PRO A 166 3.77 20.22 9.66
CA PRO A 166 4.67 21.23 10.29
C PRO A 166 4.63 21.24 11.81
N ALA A 167 3.50 20.85 12.39
CA ALA A 167 3.42 20.70 13.88
C ALA A 167 4.51 19.83 14.55
N ILE A 168 5.14 18.90 13.81
CA ILE A 168 6.17 18.06 14.47
C ILE A 168 7.57 18.48 14.13
N ALA A 169 7.73 19.59 13.37
CA ALA A 169 9.09 20.07 12.98
C ALA A 169 9.92 20.25 14.25
N LYS A 170 9.29 20.82 15.30
CA LYS A 170 9.95 21.00 16.60
C LYS A 170 10.66 19.74 17.12
N ASP A 171 10.08 18.56 16.87
CA ASP A 171 10.56 17.31 17.42
C ASP A 171 11.48 16.57 16.44
N LEU A 172 11.40 16.84 15.14
CA LEU A 172 12.24 16.10 14.16
C LEU A 172 13.67 16.53 14.20
N THR A 173 14.60 15.55 14.14
CA THR A 173 16.03 15.87 14.01
C THR A 173 16.54 15.60 12.60
N LYS A 174 15.74 14.90 11.78
CA LYS A 174 16.09 14.64 10.37
C LYS A 174 15.16 15.44 9.45
N PRO A 175 15.57 15.73 8.18
CA PRO A 175 14.77 16.49 7.20
C PRO A 175 13.37 15.86 7.08
N PHE A 176 12.32 16.66 7.23
CA PHE A 176 10.95 16.10 7.19
C PHE A 176 10.72 15.27 5.89
N GLY A 177 9.74 14.33 5.95
CA GLY A 177 9.23 13.64 4.76
C GLY A 177 10.27 12.73 4.14
N THR A 178 11.37 12.43 4.87
CA THR A 178 12.42 11.47 4.37
C THR A 178 12.38 10.11 5.10
N PHE A 179 13.11 9.11 4.57
CA PHE A 179 13.24 7.79 5.15
C PHE A 179 13.71 7.89 6.61
N GLU A 180 14.71 8.73 6.88
CA GLU A 180 15.22 8.79 8.28
C GLU A 180 14.33 9.58 9.23
N ALA A 181 13.54 10.52 8.71
CA ALA A 181 12.52 11.20 9.53
C ALA A 181 11.45 10.17 9.92
N PHE A 182 11.12 9.25 9.02
CA PHE A 182 10.08 8.23 9.29
C PHE A 182 10.44 7.46 10.53
N ILE A 183 11.76 7.14 10.68
CA ILE A 183 12.26 6.38 11.82
C ILE A 183 11.79 7.02 13.14
N GLU A 184 11.82 8.34 13.18
CA GLU A 184 11.53 9.14 14.40
C GLU A 184 10.09 9.03 14.82
N LYS A 185 9.23 8.48 13.95
CA LYS A 185 7.78 8.30 14.37
C LYS A 185 7.38 6.85 14.40
N LEU A 186 8.35 5.99 14.24
CA LEU A 186 8.08 4.57 14.33
C LEU A 186 7.56 4.09 15.67
N ASP A 187 7.96 4.72 16.76
CA ASP A 187 7.44 4.23 18.05
C ASP A 187 5.94 4.27 18.15
N TYR A 188 5.32 5.24 17.46
CA TYR A 188 3.86 5.35 17.49
C TYR A 188 3.23 4.06 16.89
N LEU A 189 3.86 3.58 15.85
CA LEU A 189 3.36 2.41 15.12
C LEU A 189 3.62 1.16 15.92
N LYS A 190 4.79 1.09 16.58
CA LYS A 190 5.05 -0.05 17.44
C LYS A 190 3.97 -0.09 18.55
N ASP A 191 3.67 1.09 19.10
CA ASP A 191 2.66 1.22 20.16
C ASP A 191 1.23 0.89 19.59
N LEU A 192 0.91 1.34 18.38
CA LEU A 192 -0.35 0.90 17.73
C LEU A 192 -0.47 -0.63 17.63
N GLY A 193 0.62 -1.35 17.38
CA GLY A 193 0.59 -2.81 17.39
C GLY A 193 0.52 -3.40 16.00
N VAL A 194 0.54 -2.54 14.96
CA VAL A 194 0.48 -3.07 13.57
C VAL A 194 1.72 -4.00 13.31
N THR A 195 1.61 -4.95 12.39
CA THR A 195 2.76 -5.89 12.20
C THR A 195 3.59 -5.51 10.98
N HIS A 196 2.94 -4.95 9.93
CA HIS A 196 3.63 -4.67 8.70
C HIS A 196 3.28 -3.29 8.27
N ILE A 197 4.26 -2.47 7.94
CA ILE A 197 4.05 -1.12 7.40
C ILE A 197 4.24 -1.21 5.90
N GLN A 198 3.14 -0.93 5.15
CA GLN A 198 3.17 -0.96 3.68
C GLN A 198 3.44 0.49 3.24
N LEU A 199 4.55 0.71 2.54
CA LEU A 199 4.89 2.03 2.05
C LEU A 199 4.46 2.22 0.59
N LEU A 200 3.89 3.38 0.33
CA LEU A 200 3.56 3.80 -1.02
C LEU A 200 4.86 3.83 -1.81
N PRO A 201 4.76 3.79 -3.14
CA PRO A 201 5.91 3.44 -3.99
C PRO A 201 7.20 4.19 -3.62
N VAL A 202 8.23 3.45 -3.24
CA VAL A 202 9.54 4.05 -2.96
C VAL A 202 10.50 3.90 -4.13
N LEU A 203 10.14 3.10 -5.11
CA LEU A 203 10.93 3.04 -6.29
C LEU A 203 10.82 4.28 -7.12
N SER A 204 11.90 4.59 -7.80
CA SER A 204 11.95 5.79 -8.62
C SER A 204 10.71 6.05 -9.46
N TYR A 205 10.19 7.26 -9.38
CA TYR A 205 9.03 7.62 -10.22
C TYR A 205 9.27 8.93 -10.97
N TYR A 206 8.47 9.20 -11.99
CA TYR A 206 8.92 10.11 -13.03
C TYR A 206 8.52 11.57 -12.81
N PHE A 207 7.25 11.83 -12.50
CA PHE A 207 6.77 13.22 -12.46
C PHE A 207 7.00 13.83 -11.11
N VAL A 208 8.18 14.47 -10.97
CA VAL A 208 8.52 15.06 -9.69
C VAL A 208 9.80 15.87 -9.89
N ASN A 209 10.03 16.85 -9.04
CA ASN A 209 11.32 17.59 -9.03
C ASN A 209 11.93 17.34 -7.70
N GLU A 210 12.82 16.36 -7.69
CA GLU A 210 13.43 15.90 -6.45
C GLU A 210 14.32 17.04 -5.86
N LEU A 211 14.72 18.03 -6.68
CA LEU A 211 15.59 19.14 -6.19
C LEU A 211 14.86 20.10 -5.22
N LYS A 212 13.53 19.92 -5.09
CA LYS A 212 12.67 20.68 -4.17
C LYS A 212 12.04 19.84 -3.07
N ASN A 213 12.66 18.72 -2.79
CA ASN A 213 12.04 17.81 -1.84
C ASN A 213 12.01 18.32 -0.42
N HIS A 214 12.92 19.26 -0.05
CA HIS A 214 12.86 19.87 1.31
C HIS A 214 11.94 21.10 1.44
N GLU A 215 11.29 21.46 0.37
CA GLU A 215 10.32 22.56 0.40
C GLU A 215 9.00 22.08 0.94
N ARG A 216 8.47 22.84 1.91
CA ARG A 216 7.11 22.54 2.45
C ARG A 216 6.02 22.89 1.44
N LEU A 217 5.14 21.95 1.16
CA LEU A 217 4.04 22.20 0.21
C LEU A 217 2.80 22.61 1.03
N SER A 218 2.85 23.85 1.53
CA SER A 218 2.00 24.32 2.63
C SER A 218 0.73 25.08 2.13
N ASP A 219 0.70 25.51 0.88
CA ASP A 219 -0.54 26.00 0.29
C ASP A 219 -1.45 24.81 -0.07
N TYR A 220 -2.75 24.91 0.17
CA TYR A 220 -3.63 23.83 -0.31
C TYR A 220 -3.58 23.76 -1.85
N ALA A 221 -3.39 22.57 -2.41
CA ALA A 221 -3.53 22.38 -3.86
C ALA A 221 -3.95 20.93 -4.07
N SER A 222 -4.74 20.64 -5.10
CA SER A 222 -5.05 19.21 -5.39
C SER A 222 -4.71 18.83 -6.82
N SER A 223 -4.00 19.72 -7.54
CA SER A 223 -3.36 19.39 -8.83
C SER A 223 -2.11 20.22 -8.99
N ASN A 224 -1.24 19.78 -9.88
CA ASN A 224 -0.01 20.50 -10.23
C ASN A 224 0.82 20.76 -8.96
N SER A 225 0.97 19.74 -8.13
CA SER A 225 1.79 19.82 -6.96
C SER A 225 3.08 19.01 -7.17
N ASN A 226 4.19 19.41 -6.56
CA ASN A 226 5.37 18.59 -6.68
C ASN A 226 5.22 17.24 -5.94
N TYR A 227 4.25 17.20 -5.03
CA TYR A 227 3.91 16.00 -4.25
C TYR A 227 3.49 14.90 -5.28
N ASN A 228 3.81 13.60 -5.05
CA ASN A 228 3.33 12.55 -5.89
C ASN A 228 3.21 11.30 -5.02
N TRP A 229 2.11 10.56 -5.13
CA TRP A 229 2.02 9.25 -4.46
C TRP A 229 3.11 8.30 -4.98
N GLY A 230 3.47 8.48 -6.23
CA GLY A 230 4.53 7.64 -6.81
C GLY A 230 4.13 6.59 -7.83
N TYR A 231 2.89 6.67 -8.32
CA TYR A 231 2.44 5.67 -9.32
C TYR A 231 2.78 6.01 -10.77
N ASP A 232 3.98 6.55 -11.02
CA ASP A 232 4.46 6.91 -12.36
C ASP A 232 5.90 6.32 -12.54
N PRO A 233 6.03 4.99 -12.65
CA PRO A 233 7.34 4.35 -12.47
C PRO A 233 8.42 4.74 -13.51
N GLN A 234 9.61 4.99 -12.98
CA GLN A 234 10.77 5.27 -13.83
C GLN A 234 11.70 4.12 -13.84
N ASN A 235 11.86 3.43 -12.71
CA ASN A 235 12.89 2.35 -12.65
C ASN A 235 12.54 1.40 -11.54
N TYR A 236 12.87 0.11 -11.72
CA TYR A 236 12.39 -0.90 -10.75
C TYR A 236 13.49 -1.44 -9.78
N PHE A 237 14.66 -0.83 -9.77
CA PHE A 237 15.70 -1.22 -8.82
C PHE A 237 16.17 -0.02 -7.95
N SER A 238 16.05 1.19 -8.51
CA SER A 238 16.51 2.39 -7.83
C SER A 238 15.36 3.00 -7.01
N LEU A 239 15.70 3.53 -5.84
CA LEU A 239 14.73 4.26 -4.94
C LEU A 239 14.61 5.63 -5.49
N THR A 240 13.43 6.24 -5.27
CA THR A 240 13.24 7.66 -5.64
C THR A 240 14.22 8.46 -4.78
N GLY A 241 14.56 9.69 -5.21
CA GLY A 241 15.33 10.63 -4.37
C GLY A 241 14.46 11.53 -3.53
N MET A 242 13.16 11.47 -3.78
CA MET A 242 12.25 12.40 -3.10
C MET A 242 12.23 12.26 -1.56
N TYR A 243 12.55 11.08 -1.04
CA TYR A 243 12.49 10.87 0.46
C TYR A 243 13.93 10.74 1.00
N SER A 244 14.88 11.37 0.32
CA SER A 244 16.28 11.28 0.75
C SER A 244 16.75 12.61 1.40
N SER A 245 17.67 12.56 2.39
CA SER A 245 18.29 13.84 2.91
C SER A 245 18.97 14.60 1.78
N ASP A 246 19.50 13.88 0.80
CA ASP A 246 20.23 14.47 -0.34
C ASP A 246 20.09 13.70 -1.63
N PRO A 247 19.13 14.09 -2.50
CA PRO A 247 18.89 13.39 -3.74
C PRO A 247 20.15 13.41 -4.64
N LYS A 248 21.02 14.43 -4.46
CA LYS A 248 22.21 14.52 -5.31
C LYS A 248 23.32 13.51 -4.95
N ASN A 249 23.18 12.82 -3.83
CA ASN A 249 24.16 11.81 -3.42
C ASN A 249 23.48 10.46 -3.68
N PRO A 250 23.88 9.73 -4.72
CA PRO A 250 23.13 8.52 -5.11
C PRO A 250 23.27 7.34 -4.14
N GLU A 251 24.32 7.35 -3.32
CA GLU A 251 24.42 6.38 -2.20
C GLU A 251 23.53 6.66 -1.01
N LYS A 252 23.19 7.93 -0.73
CA LYS A 252 22.46 8.21 0.49
C LYS A 252 21.09 7.59 0.63
N ARG A 253 20.28 7.62 -0.43
CA ARG A 253 18.94 7.06 -0.32
C ARG A 253 19.01 5.55 0.04
N ILE A 254 20.05 4.86 -0.47
CA ILE A 254 20.15 3.45 -0.19
C ILE A 254 20.49 3.22 1.29
N ALA A 255 21.47 3.96 1.79
CA ALA A 255 21.80 3.79 3.20
C ALA A 255 20.62 4.19 4.09
N GLU A 256 19.93 5.25 3.70
CA GLU A 256 18.87 5.77 4.55
C GLU A 256 17.71 4.80 4.59
N PHE A 257 17.40 4.23 3.43
CA PHE A 257 16.27 3.25 3.34
C PHE A 257 16.64 1.98 4.09
N LYS A 258 17.89 1.49 3.91
CA LYS A 258 18.37 0.37 4.80
C LYS A 258 18.21 0.64 6.32
N ASN A 259 18.60 1.83 6.76
CA ASN A 259 18.42 2.31 8.12
C ASN A 259 16.92 2.25 8.53
N LEU A 260 16.03 2.81 7.67
CA LEU A 260 14.58 2.74 7.95
C LEU A 260 14.14 1.29 8.11
N ILE A 261 14.50 0.39 7.19
CA ILE A 261 13.98 -0.96 7.30
C ILE A 261 14.53 -1.61 8.60
N ASN A 262 15.80 -1.38 8.89
CA ASN A 262 16.40 -1.98 10.05
C ASN A 262 15.69 -1.47 11.31
N GLU A 263 15.29 -0.20 11.33
CA GLU A 263 14.65 0.36 12.54
C GLU A 263 13.22 -0.18 12.68
N ILE A 264 12.54 -0.42 11.54
CA ILE A 264 11.23 -1.06 11.59
C ILE A 264 11.41 -2.43 12.18
N HIS A 265 12.46 -3.13 11.72
CA HIS A 265 12.67 -4.48 12.26
C HIS A 265 13.02 -4.49 13.75
N LYS A 266 13.82 -3.54 14.20
CA LYS A 266 14.22 -3.49 15.62
C LYS A 266 12.99 -3.33 16.47
N ARG A 267 11.91 -2.78 15.90
CA ARG A 267 10.71 -2.51 16.68
C ARG A 267 9.71 -3.63 16.49
N GLY A 268 10.17 -4.75 15.93
CA GLY A 268 9.38 -6.00 15.82
C GLY A 268 8.32 -6.00 14.71
N MET A 269 8.47 -5.06 13.78
CA MET A 269 7.57 -4.90 12.60
C MET A 269 8.26 -5.28 11.31
N GLY A 270 7.48 -5.38 10.24
CA GLY A 270 8.04 -5.65 8.97
C GLY A 270 7.63 -4.52 8.02
N ALA A 271 8.29 -4.50 6.86
CA ALA A 271 8.01 -3.54 5.75
C ALA A 271 7.45 -4.24 4.53
N ILE A 272 6.39 -3.66 3.95
CA ILE A 272 5.86 -4.14 2.63
C ILE A 272 6.02 -3.01 1.57
N LEU A 273 6.60 -3.30 0.40
CA LEU A 273 6.77 -2.27 -0.59
C LEU A 273 5.61 -2.30 -1.59
N ASP A 274 4.97 -1.15 -1.76
CA ASP A 274 4.04 -1.00 -2.91
C ASP A 274 4.90 -0.94 -4.17
N VAL A 275 4.64 -1.83 -5.16
CA VAL A 275 5.44 -1.89 -6.39
C VAL A 275 4.49 -1.82 -7.59
N VAL A 276 4.96 -1.12 -8.63
CA VAL A 276 4.05 -0.71 -9.76
C VAL A 276 4.60 -1.20 -11.09
N TYR A 277 4.56 -2.53 -11.27
CA TYR A 277 5.14 -3.13 -12.50
C TYR A 277 4.14 -3.13 -13.63
N ASN A 278 2.88 -2.80 -13.36
CA ASN A 278 1.86 -2.89 -14.36
C ASN A 278 2.10 -1.89 -15.50
N HIS A 279 2.81 -0.80 -15.22
CA HIS A 279 3.02 0.23 -16.27
C HIS A 279 4.20 1.12 -15.86
N THR A 280 4.79 1.76 -16.87
CA THR A 280 5.88 2.73 -16.66
C THR A 280 5.29 4.14 -16.93
N ALA A 281 5.99 5.20 -16.51
CA ALA A 281 5.48 6.54 -16.75
C ALA A 281 5.52 6.92 -18.23
N LYS A 282 6.47 6.35 -18.96
CA LYS A 282 6.76 6.77 -20.36
C LYS A 282 7.06 5.56 -21.20
N VAL A 283 6.37 5.46 -22.30
CA VAL A 283 6.64 4.41 -23.28
C VAL A 283 8.12 4.28 -23.67
N ASP A 284 8.81 5.42 -23.84
CA ASP A 284 10.18 5.37 -24.31
C ASP A 284 11.11 4.74 -23.25
N LEU A 285 10.78 4.79 -21.92
CA LEU A 285 11.68 4.14 -20.95
C LEU A 285 12.19 2.79 -21.41
N PHE A 286 11.27 1.95 -21.88
CA PHE A 286 11.68 0.65 -22.39
C PHE A 286 11.71 0.52 -23.93
N GLU A 287 10.87 1.26 -24.65
CA GLU A 287 10.94 1.18 -26.12
C GLU A 287 12.35 1.60 -26.62
N ASP A 288 12.98 2.58 -25.93
CA ASP A 288 14.29 3.06 -26.34
C ASP A 288 15.38 2.01 -26.14
N LEU A 289 15.13 1.09 -25.23
CA LEU A 289 16.07 -0.02 -24.98
C LEU A 289 16.04 -1.14 -26.05
N GLU A 290 14.83 -1.63 -26.36
CA GLU A 290 14.57 -2.62 -27.39
C GLU A 290 13.18 -2.38 -28.02
N PRO A 291 13.14 -2.02 -29.31
CA PRO A 291 11.80 -1.69 -29.88
C PRO A 291 10.83 -2.88 -29.96
N ASN A 292 9.54 -2.64 -29.68
CA ASN A 292 8.48 -3.62 -29.88
C ASN A 292 8.73 -4.95 -29.19
N TYR A 293 9.11 -4.84 -27.90
CA TYR A 293 9.48 -5.99 -27.16
C TYR A 293 8.87 -6.01 -25.76
N TYR A 294 9.24 -5.00 -24.96
CA TYR A 294 8.98 -5.13 -23.49
C TYR A 294 7.52 -5.03 -23.05
N HIS A 295 6.73 -4.25 -23.80
CA HIS A 295 5.32 -3.95 -23.42
C HIS A 295 4.35 -4.97 -24.01
N PHE A 296 3.19 -5.15 -23.37
CA PHE A 296 2.07 -5.78 -24.06
C PHE A 296 1.80 -4.91 -25.30
N MET A 297 1.45 -5.57 -26.43
CA MET A 297 1.32 -4.91 -27.73
C MET A 297 0.08 -5.38 -28.45
N ASP A 298 -0.42 -4.48 -29.29
CA ASP A 298 -1.31 -4.87 -30.37
C ASP A 298 -0.60 -5.86 -31.31
N ALA A 299 -1.39 -6.61 -32.08
CA ALA A 299 -0.83 -7.62 -33.04
C ALA A 299 0.17 -7.01 -34.00
N ASP A 300 0.03 -5.73 -34.32
CA ASP A 300 1.01 -5.10 -35.20
C ASP A 300 2.23 -4.59 -34.46
N GLY A 301 2.34 -4.86 -33.18
CA GLY A 301 3.54 -4.44 -32.46
C GLY A 301 3.48 -3.07 -31.81
N THR A 302 2.35 -2.38 -31.90
CA THR A 302 2.23 -1.11 -31.21
C THR A 302 2.14 -1.33 -29.69
N PRO A 303 2.97 -0.61 -28.91
CA PRO A 303 2.95 -0.78 -27.43
C PRO A 303 1.62 -0.34 -26.85
N ARG A 304 1.02 -1.18 -25.99
CA ARG A 304 -0.23 -0.81 -25.39
C ARG A 304 0.05 0.04 -24.15
N THR A 305 -0.89 0.92 -23.84
CA THR A 305 -0.60 1.98 -22.87
C THR A 305 -1.52 1.98 -21.71
N SER A 306 -1.03 2.46 -20.57
CA SER A 306 -1.84 2.56 -19.38
C SER A 306 -1.28 3.70 -18.51
N PHE A 307 -2.15 4.49 -17.92
CA PHE A 307 -1.77 5.65 -17.06
C PHE A 307 -0.73 6.57 -17.75
N GLY A 308 -0.87 6.70 -19.08
CA GLY A 308 0.04 7.62 -19.85
C GLY A 308 1.37 7.00 -20.24
N GLY A 309 1.58 5.72 -19.87
CA GLY A 309 2.83 5.04 -20.20
C GLY A 309 2.66 3.65 -20.80
N GLY A 310 3.68 2.80 -20.76
CA GLY A 310 3.68 1.48 -21.44
C GLY A 310 3.18 0.46 -20.40
N ARG A 311 2.27 -0.43 -20.83
CA ARG A 311 1.90 -1.64 -20.03
C ARG A 311 3.07 -2.60 -20.12
N LEU A 312 3.74 -2.95 -19.04
CA LEU A 312 4.84 -3.96 -19.12
C LEU A 312 4.34 -5.38 -19.41
N GLY A 313 4.84 -6.03 -20.46
CA GLY A 313 4.29 -7.37 -20.77
C GLY A 313 4.98 -8.50 -20.05
N THR A 314 4.48 -8.83 -18.84
CA THR A 314 5.24 -9.76 -17.98
C THR A 314 5.23 -11.22 -18.44
N THR A 315 4.47 -11.52 -19.51
CA THR A 315 4.58 -12.86 -20.18
C THR A 315 5.86 -12.95 -21.02
N HIS A 316 6.46 -11.81 -21.34
CA HIS A 316 7.64 -11.81 -22.23
C HIS A 316 8.84 -12.02 -21.38
N HIS A 317 9.78 -12.82 -21.89
CA HIS A 317 10.89 -13.33 -21.13
C HIS A 317 11.70 -12.23 -20.40
N MET A 318 12.12 -11.19 -21.10
CA MET A 318 12.94 -10.14 -20.43
C MET A 318 12.12 -9.21 -19.51
N THR A 319 10.83 -9.02 -19.79
CA THR A 319 9.93 -8.32 -18.89
C THR A 319 9.62 -9.16 -17.65
N LYS A 320 9.37 -10.44 -17.83
CA LYS A 320 9.25 -11.36 -16.72
C LYS A 320 10.44 -11.29 -15.75
N ARG A 321 11.66 -11.36 -16.26
CA ARG A 321 12.83 -11.35 -15.42
C ARG A 321 13.12 -9.98 -14.87
N LEU A 322 12.66 -8.95 -15.56
CA LEU A 322 12.70 -7.62 -14.94
C LEU A 322 11.93 -7.64 -13.64
N LEU A 323 10.73 -8.16 -13.70
CA LEU A 323 9.87 -8.12 -12.51
C LEU A 323 10.49 -9.01 -11.40
N ILE A 324 10.86 -10.22 -11.79
CA ILE A 324 11.39 -11.19 -10.88
C ILE A 324 12.72 -10.78 -10.31
N ASP A 325 13.63 -10.29 -11.15
CA ASP A 325 14.95 -9.78 -10.70
C ASP A 325 14.74 -8.62 -9.74
N SER A 326 13.79 -7.72 -10.07
CA SER A 326 13.49 -6.60 -9.17
C SER A 326 13.03 -7.09 -7.78
N ILE A 327 12.04 -7.94 -7.75
CA ILE A 327 11.59 -8.51 -6.48
C ILE A 327 12.75 -9.15 -5.71
N LYS A 328 13.55 -9.98 -6.39
CA LYS A 328 14.65 -10.65 -5.66
C LYS A 328 15.68 -9.66 -5.12
N TYR A 329 16.07 -8.68 -5.96
CA TYR A 329 17.11 -7.71 -5.59
C TYR A 329 16.60 -6.89 -4.39
N LEU A 330 15.32 -6.50 -4.40
CA LEU A 330 14.76 -5.67 -3.32
C LEU A 330 14.68 -6.45 -2.00
N VAL A 331 14.26 -7.73 -2.07
CA VAL A 331 14.26 -8.58 -0.89
C VAL A 331 15.69 -8.76 -0.32
N ASP A 332 16.63 -9.10 -1.19
CA ASP A 332 17.99 -9.40 -0.74
C ASP A 332 18.73 -8.12 -0.34
N THR A 333 18.47 -7.02 -1.04
CA THR A 333 19.25 -5.77 -0.72
C THR A 333 18.69 -5.06 0.52
N TYR A 334 17.37 -4.86 0.54
CA TYR A 334 16.68 -4.09 1.61
C TYR A 334 15.98 -4.96 2.66
N LYS A 335 15.97 -6.28 2.46
CA LYS A 335 15.53 -7.25 3.51
C LYS A 335 14.07 -7.02 3.89
N VAL A 336 13.25 -6.70 2.89
CA VAL A 336 11.85 -6.38 3.20
C VAL A 336 11.03 -7.68 3.47
N ASP A 337 9.78 -7.47 3.86
CA ASP A 337 8.92 -8.51 4.44
C ASP A 337 7.70 -8.74 3.61
N GLY A 338 7.61 -8.06 2.48
CA GLY A 338 6.48 -8.30 1.60
C GLY A 338 6.33 -7.22 0.52
N PHE A 339 5.36 -7.43 -0.38
CA PHE A 339 5.08 -6.50 -1.50
C PHE A 339 3.61 -6.44 -1.72
N ARG A 340 3.16 -5.25 -2.13
CA ARG A 340 1.80 -5.02 -2.53
C ARG A 340 1.88 -4.62 -4.01
N PHE A 341 1.30 -5.46 -4.85
CA PHE A 341 1.25 -5.18 -6.27
C PHE A 341 0.14 -4.25 -6.68
N ASP A 342 0.52 -3.13 -7.30
CA ASP A 342 -0.44 -2.23 -7.94
C ASP A 342 -1.06 -2.87 -9.17
N MET A 343 -2.40 -2.77 -9.36
CA MET A 343 -3.09 -3.25 -10.61
C MET A 343 -2.58 -4.65 -10.91
N MET A 344 -2.61 -5.48 -9.88
CA MET A 344 -2.00 -6.78 -10.02
C MET A 344 -2.82 -7.63 -11.05
N GLY A 345 -4.10 -7.33 -11.22
CA GLY A 345 -4.93 -8.02 -12.23
C GLY A 345 -4.48 -7.75 -13.66
N ASP A 346 -3.51 -6.82 -13.87
CA ASP A 346 -2.99 -6.55 -15.21
C ASP A 346 -1.95 -7.62 -15.60
N HIS A 347 -1.39 -8.34 -14.60
CA HIS A 347 -0.34 -9.32 -14.84
C HIS A 347 -0.93 -10.73 -14.99
N ASP A 348 -0.18 -11.53 -15.74
CA ASP A 348 -0.42 -12.99 -15.79
C ASP A 348 -0.18 -13.55 -14.39
N ALA A 349 -1.04 -14.46 -13.96
CA ALA A 349 -0.75 -15.22 -12.76
C ALA A 349 0.65 -15.90 -12.66
N ALA A 350 1.18 -16.48 -13.74
CA ALA A 350 2.46 -17.21 -13.66
C ALA A 350 3.64 -16.32 -13.12
N SER A 351 3.75 -15.10 -13.65
CA SER A 351 4.74 -14.10 -13.15
C SER A 351 4.64 -13.81 -11.65
N ILE A 352 3.43 -13.57 -11.21
CA ILE A 352 3.13 -13.16 -9.80
C ILE A 352 3.42 -14.39 -8.89
N GLU A 353 2.95 -15.56 -9.31
CA GLU A 353 3.32 -16.76 -8.56
C GLU A 353 4.80 -17.05 -8.52
N GLU A 354 5.50 -16.81 -9.61
CA GLU A 354 6.95 -17.00 -9.60
C GLU A 354 7.72 -15.96 -8.75
N ALA A 355 7.25 -14.72 -8.77
CA ALA A 355 7.80 -13.68 -7.87
C ALA A 355 7.64 -14.11 -6.41
N TYR A 356 6.45 -14.58 -6.05
CA TYR A 356 6.23 -15.07 -4.70
C TYR A 356 7.18 -16.14 -4.32
N LYS A 357 7.33 -17.15 -5.17
CA LYS A 357 8.24 -18.25 -4.87
C LYS A 357 9.69 -17.73 -4.69
N ALA A 358 10.14 -16.91 -5.63
CA ALA A 358 11.50 -16.33 -5.57
C ALA A 358 11.74 -15.54 -4.29
N ALA A 359 10.80 -14.68 -3.96
CA ALA A 359 10.89 -13.89 -2.72
C ALA A 359 10.94 -14.78 -1.46
N ARG A 360 10.06 -15.75 -1.39
CA ARG A 360 10.03 -16.69 -0.23
C ARG A 360 11.31 -17.50 -0.08
N ALA A 361 11.93 -17.83 -1.20
CA ALA A 361 13.16 -18.61 -1.14
C ALA A 361 14.24 -17.77 -0.44
N LEU A 362 14.11 -16.45 -0.50
CA LEU A 362 15.05 -15.56 0.19
C LEU A 362 14.56 -15.32 1.62
N ASN A 363 13.27 -15.02 1.76
CA ASN A 363 12.68 -14.69 3.06
C ASN A 363 11.42 -15.55 3.23
N PRO A 364 11.55 -16.66 3.96
CA PRO A 364 10.49 -17.67 4.01
C PRO A 364 9.26 -17.18 4.76
N ASN A 365 9.31 -16.01 5.41
CA ASN A 365 8.15 -15.43 6.04
C ASN A 365 7.50 -14.20 5.32
N LEU A 366 7.98 -13.92 4.10
CA LEU A 366 7.52 -12.81 3.28
C LEU A 366 6.03 -13.02 2.86
N ILE A 367 5.28 -11.92 2.80
CA ILE A 367 3.88 -12.05 2.37
C ILE A 367 3.66 -11.11 1.19
N MET A 368 2.58 -11.38 0.43
CA MET A 368 2.24 -10.47 -0.69
C MET A 368 0.78 -10.25 -0.76
N LEU A 369 0.41 -9.12 -1.35
CA LEU A 369 -0.95 -8.79 -1.61
C LEU A 369 -1.00 -7.89 -2.81
N GLY A 370 -2.21 -7.65 -3.34
CA GLY A 370 -2.32 -6.81 -4.52
C GLY A 370 -3.73 -6.37 -4.82
N GLU A 371 -3.82 -5.33 -5.66
CA GLU A 371 -5.08 -4.91 -6.25
C GLU A 371 -5.50 -5.98 -7.29
N GLY A 372 -6.48 -6.82 -6.94
CA GLY A 372 -6.84 -7.89 -7.86
C GLY A 372 -8.04 -7.58 -8.76
N TRP A 373 -8.19 -6.33 -9.18
CA TRP A 373 -9.34 -5.98 -10.00
C TRP A 373 -9.23 -6.73 -11.33
N ARG A 374 -10.37 -7.03 -11.96
CA ARG A 374 -10.31 -7.77 -13.26
C ARG A 374 -9.92 -6.82 -14.44
N THR A 375 -8.62 -6.54 -14.66
CA THR A 375 -8.27 -5.40 -15.52
C THR A 375 -7.41 -5.87 -16.68
N TYR A 376 -7.20 -7.18 -16.78
CA TYR A 376 -6.16 -7.69 -17.69
C TYR A 376 -6.35 -7.18 -19.14
N ALA A 377 -5.29 -6.65 -19.76
CA ALA A 377 -5.31 -6.27 -21.14
C ALA A 377 -4.43 -7.27 -21.93
N GLY A 378 -3.21 -7.52 -21.46
CA GLY A 378 -2.29 -8.40 -22.20
C GLY A 378 -1.97 -8.00 -23.66
N ASP A 379 -1.37 -8.93 -24.38
CA ASP A 379 -1.16 -8.85 -25.82
C ASP A 379 -2.47 -9.14 -26.57
N GLU A 380 -2.70 -8.44 -27.69
CA GLU A 380 -3.88 -8.70 -28.50
C GLU A 380 -3.99 -10.22 -28.86
N ASN A 381 -5.17 -10.81 -28.72
CA ASN A 381 -5.42 -12.22 -29.16
C ASN A 381 -4.55 -13.24 -28.43
N MET A 382 -4.07 -12.86 -27.22
CA MET A 382 -3.29 -13.79 -26.42
C MET A 382 -3.89 -13.87 -24.99
N PRO A 383 -5.13 -14.40 -24.88
CA PRO A 383 -5.75 -14.52 -23.54
C PRO A 383 -4.85 -15.36 -22.60
N THR A 384 -4.85 -15.01 -21.32
CA THR A 384 -3.88 -15.49 -20.33
C THR A 384 -4.57 -15.43 -18.94
N LYS A 385 -4.27 -16.38 -18.06
CA LYS A 385 -4.83 -16.34 -16.71
C LYS A 385 -4.15 -15.19 -15.93
N ALA A 386 -4.97 -14.29 -15.41
CA ALA A 386 -4.49 -13.10 -14.68
C ALA A 386 -4.51 -13.23 -13.14
N ALA A 387 -3.67 -12.40 -12.49
CA ALA A 387 -3.44 -12.49 -11.02
C ALA A 387 -4.45 -11.59 -10.45
N ASP A 388 -5.71 -11.94 -10.69
CA ASP A 388 -6.80 -11.12 -10.20
C ASP A 388 -7.65 -11.86 -9.12
N GLN A 389 -8.77 -11.30 -8.67
CA GLN A 389 -9.57 -11.94 -7.62
C GLN A 389 -9.98 -13.40 -7.98
N ASP A 390 -10.11 -13.71 -9.28
CA ASP A 390 -10.54 -15.08 -9.69
C ASP A 390 -9.40 -16.06 -9.62
N TRP A 391 -8.16 -15.58 -9.43
CA TRP A 391 -6.99 -16.40 -9.19
C TRP A 391 -6.98 -16.95 -7.77
N MET A 392 -7.76 -16.36 -6.89
CA MET A 392 -7.70 -16.74 -5.45
C MET A 392 -8.12 -18.19 -5.20
N LYS A 393 -8.97 -18.75 -6.08
CA LYS A 393 -9.41 -20.16 -5.87
C LYS A 393 -8.33 -21.12 -6.36
N HIS A 394 -7.26 -20.59 -6.94
CA HIS A 394 -6.22 -21.44 -7.54
C HIS A 394 -4.90 -21.28 -6.86
N THR A 395 -4.82 -20.42 -5.84
CA THR A 395 -3.53 -20.24 -5.19
C THR A 395 -3.70 -19.89 -3.71
N ASP A 396 -2.70 -20.20 -2.88
CA ASP A 396 -2.73 -19.73 -1.44
C ASP A 396 -1.41 -19.00 -1.13
N THR A 397 -1.14 -17.95 -1.91
CA THR A 397 0.14 -17.27 -1.87
C THR A 397 -0.18 -15.74 -1.66
N VAL A 398 -0.47 -15.07 -2.77
CA VAL A 398 -0.74 -13.62 -2.79
C VAL A 398 -2.23 -13.33 -2.52
N ALA A 399 -2.55 -12.47 -1.52
CA ALA A 399 -3.93 -12.10 -1.21
C ALA A 399 -4.41 -10.93 -2.09
N VAL A 400 -5.72 -10.66 -2.11
CA VAL A 400 -6.32 -9.50 -2.82
C VAL A 400 -7.18 -8.67 -1.91
N PHE A 401 -7.28 -7.37 -2.20
CA PHE A 401 -8.14 -6.48 -1.48
C PHE A 401 -9.56 -6.94 -1.73
N SER A 402 -10.36 -6.85 -0.67
CA SER A 402 -11.83 -7.16 -0.80
C SER A 402 -12.70 -5.95 -0.93
N ASP A 403 -13.03 -5.60 -2.20
CA ASP A 403 -13.95 -4.52 -2.43
C ASP A 403 -15.38 -4.84 -1.93
N ASP A 404 -15.66 -6.12 -1.73
CA ASP A 404 -17.05 -6.49 -1.28
C ASP A 404 -17.29 -5.99 0.16
N ILE A 405 -16.29 -6.18 1.01
CA ILE A 405 -16.48 -5.71 2.35
C ILE A 405 -16.43 -4.19 2.41
N ARG A 406 -15.47 -3.57 1.72
CA ARG A 406 -15.45 -2.10 1.71
C ARG A 406 -16.78 -1.48 1.21
N ASN A 407 -17.26 -1.95 0.04
CA ASN A 407 -18.53 -1.40 -0.50
C ASN A 407 -19.70 -1.58 0.46
N ASN A 408 -19.84 -2.81 0.94
CA ASN A 408 -20.97 -3.14 1.81
C ASN A 408 -20.90 -2.36 3.13
N LEU A 409 -19.70 -2.12 3.71
CA LEU A 409 -19.67 -1.27 4.93
C LEU A 409 -19.79 0.26 4.75
N LYS A 410 -19.10 0.81 3.73
CA LYS A 410 -19.07 2.27 3.65
C LYS A 410 -18.95 2.80 2.21
N SER A 411 -19.45 2.03 1.23
CA SER A 411 -19.45 2.35 -0.25
C SER A 411 -18.09 2.26 -0.92
N GLY A 412 -18.13 2.14 -2.24
CA GLY A 412 -16.96 2.14 -3.08
C GLY A 412 -17.49 2.14 -4.50
N TYR A 413 -16.56 2.09 -5.46
CA TYR A 413 -16.87 2.18 -6.87
C TYR A 413 -17.93 1.07 -7.22
N PRO A 414 -18.98 1.40 -7.99
CA PRO A 414 -19.37 2.71 -8.49
C PRO A 414 -20.29 3.19 -7.37
N ASN A 415 -21.02 4.24 -7.37
CA ASN A 415 -21.70 4.33 -5.97
C ASN A 415 -20.95 4.83 -4.73
N GLU A 416 -19.77 5.44 -4.89
CA GLU A 416 -19.15 6.11 -3.76
C GLU A 416 -20.08 7.10 -3.07
N GLY A 417 -20.12 7.07 -1.75
CA GLY A 417 -20.91 8.02 -0.99
C GLY A 417 -22.39 7.58 -0.77
N GLN A 418 -22.78 6.43 -1.33
CA GLN A 418 -24.12 5.93 -1.02
C GLN A 418 -24.16 5.29 0.33
N PRO A 419 -25.20 5.60 1.11
CA PRO A 419 -25.30 4.97 2.42
C PRO A 419 -25.09 3.44 2.34
N ALA A 420 -24.36 2.89 3.32
CA ALA A 420 -24.09 1.47 3.39
C ALA A 420 -24.09 1.11 4.87
N PHE A 421 -23.59 -0.06 5.23
CA PHE A 421 -23.87 -0.66 6.56
C PHE A 421 -23.53 0.21 7.77
N ILE A 422 -22.40 0.94 7.73
CA ILE A 422 -22.07 1.78 8.88
C ILE A 422 -22.45 3.21 8.67
N THR A 423 -23.06 3.50 7.53
CA THR A 423 -23.40 4.84 7.12
C THR A 423 -24.92 5.02 6.86
N GLY A 424 -25.76 4.24 7.52
CA GLY A 424 -27.24 4.46 7.47
C GLY A 424 -27.94 3.69 6.35
N GLY A 425 -27.20 2.87 5.64
CA GLY A 425 -27.79 2.10 4.51
C GLY A 425 -27.85 0.61 4.79
N LYS A 426 -29.08 0.07 4.99
CA LYS A 426 -29.31 -1.36 5.31
C LYS A 426 -28.74 -2.22 4.25
N ARG A 427 -28.08 -3.30 4.67
CA ARG A 427 -27.50 -4.27 3.79
C ARG A 427 -27.91 -5.70 4.19
N ASP A 428 -27.94 -6.58 3.20
CA ASP A 428 -28.23 -7.98 3.37
C ASP A 428 -27.36 -8.53 4.50
N VAL A 429 -28.01 -8.97 5.59
CA VAL A 429 -27.26 -9.50 6.78
C VAL A 429 -26.39 -10.70 6.47
N ASN A 430 -26.85 -11.64 5.62
CA ASN A 430 -25.97 -12.72 5.21
C ASN A 430 -24.78 -12.20 4.39
N THR A 431 -25.00 -11.24 3.51
CA THR A 431 -23.84 -10.65 2.76
C THR A 431 -22.76 -10.03 3.73
N ILE A 432 -23.22 -9.33 4.74
CA ILE A 432 -22.31 -8.77 5.79
C ILE A 432 -21.60 -9.88 6.51
N PHE A 433 -22.36 -10.89 6.99
CA PHE A 433 -21.74 -12.06 7.65
C PHE A 433 -20.68 -12.77 6.82
N LYS A 434 -21.02 -13.11 5.57
CA LYS A 434 -20.09 -13.78 4.72
C LYS A 434 -18.82 -12.93 4.60
N ASN A 435 -18.98 -11.61 4.51
CA ASN A 435 -17.77 -10.79 4.32
C ASN A 435 -16.89 -10.86 5.57
N LEU A 436 -17.54 -10.92 6.73
CA LEU A 436 -16.79 -10.87 7.98
C LEU A 436 -16.10 -12.16 8.26
N ILE A 437 -16.50 -13.24 7.57
CA ILE A 437 -15.84 -14.52 7.67
C ILE A 437 -14.90 -14.76 6.47
N ALA A 438 -14.53 -13.68 5.75
CA ALA A 438 -13.55 -13.77 4.66
C ALA A 438 -14.06 -14.66 3.50
N GLN A 439 -15.37 -14.50 3.27
CA GLN A 439 -16.09 -15.16 2.15
C GLN A 439 -16.80 -14.12 1.28
N PRO A 440 -16.03 -13.19 0.66
CA PRO A 440 -16.73 -12.17 -0.07
C PRO A 440 -17.63 -12.75 -1.18
N THR A 441 -18.65 -12.00 -1.55
CA THR A 441 -19.63 -12.54 -2.51
C THR A 441 -19.25 -12.37 -4.00
N ASN A 442 -18.13 -11.69 -4.30
CA ASN A 442 -17.82 -11.30 -5.70
C ASN A 442 -16.61 -12.06 -6.22
N PHE A 443 -16.03 -12.92 -5.37
CA PHE A 443 -15.04 -13.84 -5.83
C PHE A 443 -14.97 -14.94 -4.80
N GLU A 444 -14.41 -16.05 -5.23
CA GLU A 444 -14.26 -17.21 -4.37
C GLU A 444 -12.91 -17.22 -3.61
N ALA A 445 -12.99 -17.03 -2.31
CA ALA A 445 -11.85 -17.12 -1.39
C ALA A 445 -11.96 -18.49 -0.72
N ASP A 446 -11.16 -19.42 -1.15
CA ASP A 446 -11.20 -20.76 -0.57
C ASP A 446 -10.22 -20.87 0.66
N SER A 447 -9.63 -19.72 1.05
CA SER A 447 -8.75 -19.58 2.25
C SER A 447 -9.01 -18.17 2.83
N PRO A 448 -9.18 -18.02 4.18
CA PRO A 448 -9.44 -16.67 4.72
C PRO A 448 -8.20 -15.81 4.41
N GLY A 449 -7.03 -16.44 4.28
CA GLY A 449 -5.75 -15.71 3.97
C GLY A 449 -5.68 -15.09 2.58
N ASP A 450 -6.57 -15.53 1.65
CA ASP A 450 -6.71 -14.88 0.32
C ASP A 450 -7.22 -13.44 0.35
N VAL A 451 -7.78 -13.00 1.48
CA VAL A 451 -8.66 -11.85 1.56
C VAL A 451 -7.99 -10.75 2.41
N ILE A 452 -7.77 -9.59 1.78
CA ILE A 452 -7.33 -8.45 2.57
C ILE A 452 -8.55 -7.63 2.87
N GLN A 453 -8.88 -7.50 4.15
CA GLN A 453 -10.11 -6.91 4.57
C GLN A 453 -9.81 -5.42 4.82
N TYR A 454 -10.55 -4.50 4.17
CA TYR A 454 -10.33 -3.09 4.46
C TYR A 454 -11.59 -2.25 4.16
N ILE A 455 -11.59 -0.99 4.60
CA ILE A 455 -12.66 0.00 4.34
C ILE A 455 -12.08 1.35 3.87
N ALA A 456 -10.75 1.52 3.90
CA ALA A 456 -10.14 2.77 3.46
C ALA A 456 -8.71 2.49 3.05
N ALA A 457 -8.20 3.37 2.17
CA ALA A 457 -6.82 3.22 1.69
C ALA A 457 -6.39 4.62 1.20
N HIS A 458 -5.24 4.71 0.54
CA HIS A 458 -4.77 6.00 0.09
C HIS A 458 -5.71 6.56 -0.97
N ASP A 459 -6.23 5.73 -1.89
CA ASP A 459 -7.17 6.18 -2.86
C ASP A 459 -8.60 6.32 -2.30
N ASN A 460 -9.36 7.22 -2.93
CA ASN A 460 -10.76 7.53 -2.45
C ASN A 460 -10.80 8.32 -1.14
N LEU A 461 -11.99 8.71 -0.68
CA LEU A 461 -12.07 9.57 0.48
C LEU A 461 -11.65 8.69 1.67
N THR A 462 -11.05 9.34 2.68
CA THR A 462 -10.63 8.70 3.88
C THR A 462 -11.87 8.20 4.64
N LEU A 463 -11.68 7.25 5.56
CA LEU A 463 -12.84 6.67 6.27
C LEU A 463 -13.67 7.81 6.90
N PHE A 464 -13.04 8.71 7.63
CA PHE A 464 -13.71 9.92 8.20
C PHE A 464 -14.50 10.71 7.17
N ASP A 465 -13.89 11.02 6.05
CA ASP A 465 -14.55 11.86 5.06
C ASP A 465 -15.69 11.11 4.35
N ILE A 466 -15.51 9.83 4.05
CA ILE A 466 -16.55 9.06 3.35
C ILE A 466 -17.72 8.83 4.28
N ILE A 467 -17.46 8.65 5.57
CA ILE A 467 -18.61 8.61 6.51
C ILE A 467 -19.35 9.96 6.55
N ALA A 468 -18.61 11.05 6.69
CA ALA A 468 -19.28 12.35 6.72
C ALA A 468 -20.12 12.56 5.43
N GLN A 469 -19.57 12.28 4.25
CA GLN A 469 -20.34 12.49 3.00
C GLN A 469 -21.63 11.62 2.97
N SER A 470 -21.45 10.34 3.29
CA SER A 470 -22.46 9.33 3.20
C SER A 470 -23.69 9.61 4.08
N ILE A 471 -23.45 9.92 5.35
CA ILE A 471 -24.53 10.21 6.31
C ILE A 471 -24.94 11.65 6.18
N LYS A 472 -24.20 12.44 5.38
CA LYS A 472 -24.55 13.82 5.10
C LYS A 472 -24.60 14.75 6.30
N LYS A 473 -23.64 14.62 7.22
CA LYS A 473 -23.66 15.46 8.40
C LYS A 473 -22.36 16.23 8.57
N ASP A 474 -22.45 17.54 8.77
CA ASP A 474 -21.23 18.39 8.74
C ASP A 474 -20.40 18.24 10.06
N PRO A 475 -19.12 17.78 9.94
CA PRO A 475 -18.23 17.56 11.08
C PRO A 475 -17.89 18.85 11.85
N SER A 476 -18.21 20.02 11.31
CA SER A 476 -17.95 21.26 12.04
C SER A 476 -18.93 21.47 13.18
N LYS A 477 -20.00 20.66 13.21
CA LYS A 477 -20.91 20.59 14.36
C LYS A 477 -20.42 19.50 15.28
N ALA A 478 -20.12 19.88 16.52
CA ALA A 478 -19.62 18.93 17.51
C ALA A 478 -20.37 17.56 17.63
N GLU A 479 -21.69 17.62 17.53
CA GLU A 479 -22.49 16.39 17.69
C GLU A 479 -22.31 15.51 16.46
N ASN A 480 -22.15 16.12 15.27
CA ASN A 480 -21.89 15.36 14.05
C ASN A 480 -20.44 14.73 14.06
N TYR A 481 -19.48 15.50 14.58
CA TYR A 481 -18.06 14.99 14.75
C TYR A 481 -18.06 13.75 15.61
N ALA A 482 -18.80 13.81 16.71
CA ALA A 482 -18.89 12.67 17.62
C ALA A 482 -19.56 11.50 16.92
N GLU A 483 -20.55 11.79 16.04
CA GLU A 483 -21.34 10.70 15.50
C GLU A 483 -20.45 9.98 14.46
N ILE A 484 -19.70 10.79 13.72
CA ILE A 484 -18.83 10.28 12.66
C ILE A 484 -17.82 9.32 13.30
N HIS A 485 -17.29 9.72 14.46
CA HIS A 485 -16.37 8.94 15.20
C HIS A 485 -16.97 7.68 15.75
N ARG A 486 -18.19 7.74 16.30
CA ARG A 486 -18.85 6.49 16.61
C ARG A 486 -18.88 5.50 15.42
N ARG A 487 -19.23 6.00 14.25
CA ARG A 487 -19.35 5.14 13.06
C ARG A 487 -17.99 4.62 12.55
N LEU A 488 -16.98 5.46 12.68
CA LEU A 488 -15.62 5.06 12.29
C LEU A 488 -15.14 3.96 13.24
N ARG A 489 -15.36 4.10 14.54
CA ARG A 489 -14.96 3.02 15.49
C ARG A 489 -15.70 1.73 15.20
N LEU A 490 -17.00 1.82 14.91
CA LEU A 490 -17.75 0.62 14.59
C LEU A 490 -17.16 -0.01 13.35
N GLY A 491 -16.92 0.76 12.29
CA GLY A 491 -16.30 0.15 11.07
C GLY A 491 -14.94 -0.55 11.35
N ASN A 492 -14.05 0.16 12.07
CA ASN A 492 -12.76 -0.40 12.49
C ASN A 492 -12.88 -1.66 13.30
N LEU A 493 -13.81 -1.71 14.23
CA LEU A 493 -14.04 -2.96 14.99
C LEU A 493 -14.51 -4.06 14.08
N MET A 494 -15.43 -3.78 13.13
CA MET A 494 -15.78 -4.84 12.14
C MET A 494 -14.63 -5.40 11.37
N VAL A 495 -13.72 -4.54 10.92
CA VAL A 495 -12.57 -5.03 10.18
C VAL A 495 -11.59 -5.78 11.08
N LEU A 496 -11.30 -5.19 12.25
CA LEU A 496 -10.27 -5.79 13.15
C LEU A 496 -10.68 -7.12 13.83
N THR A 497 -11.97 -7.42 13.87
CA THR A 497 -12.45 -8.75 14.27
C THR A 497 -12.90 -9.70 13.14
N ALA A 498 -12.83 -9.22 11.88
CA ALA A 498 -13.07 -10.07 10.74
C ALA A 498 -12.00 -11.10 10.48
N GLN A 499 -12.46 -12.25 9.96
CA GLN A 499 -11.56 -13.21 9.45
C GLN A 499 -10.77 -12.60 8.27
N GLY A 500 -9.63 -13.22 7.95
CA GLY A 500 -8.77 -12.74 6.85
C GLY A 500 -7.63 -11.87 7.40
N THR A 501 -7.10 -10.99 6.53
CA THR A 501 -5.97 -10.10 6.94
C THR A 501 -6.43 -8.68 6.92
N PRO A 502 -6.49 -7.98 8.12
CA PRO A 502 -6.98 -6.63 8.12
C PRO A 502 -5.88 -5.67 7.61
N PHE A 503 -6.34 -4.60 7.01
CA PHE A 503 -5.51 -3.57 6.36
C PHE A 503 -6.07 -2.25 6.87
N ILE A 504 -5.16 -1.35 7.32
CA ILE A 504 -5.51 -0.06 7.94
C ILE A 504 -4.83 1.08 7.11
N HIS A 505 -5.63 2.00 6.55
CA HIS A 505 -5.06 3.15 5.89
C HIS A 505 -4.40 4.06 6.97
N SER A 506 -3.18 4.55 6.71
CA SER A 506 -2.57 5.41 7.75
C SER A 506 -3.52 6.58 8.03
N GLY A 507 -3.91 6.68 9.29
CA GLY A 507 -4.80 7.82 9.66
C GLY A 507 -6.24 7.39 9.95
N GLN A 508 -6.60 6.22 9.46
CA GLN A 508 -7.90 5.60 9.71
C GLN A 508 -8.10 5.38 11.21
N GLU A 509 -7.01 5.18 11.92
CA GLU A 509 -7.12 4.96 13.37
C GLU A 509 -7.61 6.23 14.12
N TYR A 510 -7.27 7.42 13.59
CA TYR A 510 -7.63 8.67 14.27
C TYR A 510 -8.74 9.49 13.59
N GLY A 511 -9.09 9.15 12.33
CA GLY A 511 -10.07 9.91 11.57
C GLY A 511 -9.40 11.02 10.77
N ARG A 512 -8.34 10.65 10.07
CA ARG A 512 -7.70 11.55 9.11
C ARG A 512 -8.73 12.10 8.10
N THR A 513 -8.51 13.33 7.69
CA THR A 513 -9.35 14.03 6.69
C THR A 513 -8.51 14.61 5.56
N LYS A 514 -9.09 14.69 4.37
CA LYS A 514 -8.47 15.41 3.26
C LYS A 514 -9.34 16.64 2.83
N GLN A 515 -10.06 17.19 3.78
CA GLN A 515 -10.84 18.38 3.55
C GLN A 515 -9.95 19.51 3.04
N PHE A 516 -10.41 20.23 2.02
CA PHE A 516 -9.69 21.28 1.40
C PHE A 516 -10.05 22.55 2.17
N ARG A 517 -9.37 22.72 3.30
CA ARG A 517 -9.59 23.86 4.23
C ARG A 517 -8.78 25.13 3.83
N ASN A 518 -8.74 25.43 2.53
CA ASN A 518 -8.13 26.65 2.06
C ASN A 518 -9.03 27.85 2.48
N PRO A 519 -8.47 28.95 3.07
CA PRO A 519 -9.38 30.05 3.54
C PRO A 519 -10.34 30.58 2.44
N ALA A 520 -9.90 30.57 1.19
CA ALA A 520 -10.71 31.00 0.03
C ALA A 520 -11.81 30.01 -0.36
N TYR A 521 -11.91 28.89 0.35
CA TYR A 521 -12.83 27.82 -0.08
C TYR A 521 -13.76 27.44 1.07
N ARG A 522 -14.12 28.40 1.89
CA ARG A 522 -15.04 28.14 3.02
C ARG A 522 -16.47 27.78 2.50
N THR A 523 -16.81 28.33 1.34
CA THR A 523 -18.14 28.13 0.74
C THR A 523 -17.89 27.77 -0.74
N PRO A 524 -18.93 27.24 -1.43
CA PRO A 524 -18.74 26.83 -2.82
C PRO A 524 -18.14 27.93 -3.69
N VAL A 525 -17.31 27.55 -4.64
CA VAL A 525 -16.67 28.58 -5.47
C VAL A 525 -17.13 28.45 -6.90
N ALA A 526 -16.70 29.37 -7.74
CA ALA A 526 -16.96 29.33 -9.19
C ALA A 526 -16.43 28.01 -9.80
N GLU A 527 -17.13 27.49 -10.80
CA GLU A 527 -16.79 26.18 -11.37
C GLU A 527 -15.29 26.05 -11.80
N ASP A 528 -14.71 27.15 -12.29
CA ASP A 528 -13.32 27.19 -12.76
C ASP A 528 -12.34 27.29 -11.57
N LYS A 529 -12.85 27.48 -10.37
CA LYS A 529 -11.98 27.44 -9.22
C LYS A 529 -12.05 26.14 -8.44
N VAL A 530 -12.92 25.19 -8.86
CA VAL A 530 -13.24 23.96 -8.05
C VAL A 530 -12.00 23.11 -7.93
N PRO A 531 -11.62 22.66 -6.70
CA PRO A 531 -10.35 21.91 -6.62
C PRO A 531 -10.43 20.56 -7.36
N ASN A 532 -9.40 20.22 -8.10
CA ASN A 532 -9.38 18.96 -8.85
C ASN A 532 -9.50 17.78 -7.88
N LYS A 533 -10.15 16.71 -8.36
CA LYS A 533 -10.40 15.53 -7.55
C LYS A 533 -11.09 15.79 -6.23
N SER A 534 -12.15 16.59 -6.23
CA SER A 534 -12.89 16.90 -5.03
C SER A 534 -14.37 16.43 -5.24
N HIS A 535 -15.03 16.37 -4.12
CA HIS A 535 -16.52 16.30 -4.02
C HIS A 535 -16.91 17.39 -3.09
N LEU A 536 -18.09 17.97 -3.37
CA LEU A 536 -18.62 19.02 -2.59
C LEU A 536 -19.65 18.35 -1.67
N LEU A 537 -19.39 18.36 -0.36
CA LEU A 537 -20.18 17.55 0.61
C LEU A 537 -21.33 18.46 1.12
N ARG A 538 -22.52 17.87 1.24
CA ARG A 538 -23.77 18.57 1.54
C ARG A 538 -24.54 17.89 2.67
N ASP A 539 -25.23 18.67 3.52
CA ASP A 539 -26.10 18.04 4.53
C ASP A 539 -27.36 17.47 3.87
N LYS A 540 -28.25 16.91 4.69
CA LYS A 540 -29.52 16.36 4.18
C LYS A 540 -30.41 17.43 3.47
N ASP A 541 -30.34 18.68 3.90
CA ASP A 541 -31.05 19.77 3.19
C ASP A 541 -30.37 20.21 1.90
N GLY A 542 -29.13 19.78 1.70
CA GLY A 542 -28.43 20.09 0.45
C GLY A 542 -27.64 21.36 0.65
N ASN A 543 -27.50 21.80 1.90
CA ASN A 543 -26.59 22.93 2.22
C ASN A 543 -25.11 22.44 2.18
N PRO A 544 -24.20 23.23 1.56
CA PRO A 544 -22.76 22.86 1.61
C PRO A 544 -22.29 22.75 3.04
N PHE A 545 -21.43 21.78 3.31
CA PHE A 545 -20.64 21.81 4.56
C PHE A 545 -19.83 23.10 4.63
N ASP A 546 -19.47 23.53 5.83
CA ASP A 546 -18.38 24.49 5.95
C ASP A 546 -17.09 23.87 5.32
N TYR A 547 -16.38 24.65 4.48
CA TYR A 547 -15.27 24.17 3.61
C TYR A 547 -15.72 22.87 2.90
N PRO A 548 -16.70 23.03 2.00
CA PRO A 548 -17.39 21.84 1.46
C PRO A 548 -16.52 20.93 0.57
N TYR A 549 -15.33 21.38 0.12
CA TYR A 549 -14.54 20.52 -0.84
C TYR A 549 -13.63 19.55 -0.13
N PHE A 550 -13.76 18.26 -0.48
CA PHE A 550 -12.94 17.19 0.12
C PHE A 550 -12.24 16.47 -1.00
N ILE A 551 -10.95 16.17 -0.79
CA ILE A 551 -10.22 15.55 -1.89
C ILE A 551 -10.36 14.06 -1.83
N HIS A 552 -10.73 13.48 -2.96
CA HIS A 552 -10.97 12.01 -2.97
C HIS A 552 -9.86 11.33 -3.67
N ASP A 553 -9.01 12.07 -4.39
CA ASP A 553 -7.86 11.41 -5.04
C ASP A 553 -6.71 12.42 -4.86
N SER A 554 -5.89 12.20 -3.80
CA SER A 554 -4.84 13.15 -3.42
C SER A 554 -3.45 12.85 -4.00
N TYR A 555 -3.41 12.12 -5.13
CA TYR A 555 -2.17 11.72 -5.79
C TYR A 555 -1.26 12.92 -6.19
N ASP A 556 -1.87 14.07 -6.35
CA ASP A 556 -1.24 15.26 -6.93
C ASP A 556 -1.63 16.46 -6.04
N SER A 557 -1.70 16.20 -4.74
CA SER A 557 -2.10 17.23 -3.77
C SER A 557 -0.99 17.63 -2.80
N SER A 558 -1.06 18.85 -2.22
CA SER A 558 0.07 19.37 -1.41
C SER A 558 0.06 18.73 0.00
N ASP A 559 1.06 19.05 0.81
CA ASP A 559 1.17 18.52 2.17
C ASP A 559 -0.01 19.03 3.00
N ALA A 560 -0.54 20.21 2.66
CA ALA A 560 -1.68 20.75 3.47
C ALA A 560 -2.82 19.76 3.41
N VAL A 561 -2.92 19.08 2.29
CA VAL A 561 -3.99 18.03 2.08
C VAL A 561 -3.53 16.66 2.62
N ASN A 562 -2.28 16.30 2.26
CA ASN A 562 -1.74 14.95 2.52
C ASN A 562 -1.00 14.69 3.82
N LYS A 563 -0.75 15.69 4.67
CA LYS A 563 -0.04 15.36 5.89
C LYS A 563 -0.82 14.46 6.81
N PHE A 564 -0.12 13.54 7.49
CA PHE A 564 -0.66 12.85 8.67
C PHE A 564 -0.67 13.82 9.82
N ASP A 565 -1.85 13.99 10.46
CA ASP A 565 -2.06 15.03 11.50
C ASP A 565 -1.67 14.48 12.88
N TRP A 566 -0.46 14.83 13.34
CA TRP A 566 0.00 14.27 14.59
C TRP A 566 -0.68 14.86 15.80
N THR A 567 -1.12 16.09 15.70
CA THR A 567 -1.86 16.68 16.84
C THR A 567 -3.21 15.92 17.09
N LYS A 568 -3.97 15.63 16.02
CA LYS A 568 -5.24 14.86 16.14
C LYS A 568 -4.96 13.46 16.55
N ALA A 569 -3.80 12.90 16.12
CA ALA A 569 -3.48 11.51 16.41
C ALA A 569 -3.01 11.28 17.84
N THR A 570 -2.47 12.34 18.51
CA THR A 570 -1.78 12.05 19.77
C THR A 570 -2.11 13.00 20.94
N ASP A 571 -2.65 14.17 20.64
CA ASP A 571 -2.90 15.18 21.68
C ASP A 571 -4.34 15.06 22.11
N GLY A 572 -4.57 14.23 23.12
CA GLY A 572 -5.90 13.95 23.63
C GLY A 572 -6.59 15.09 24.36
N LYS A 573 -5.85 16.11 24.77
CA LYS A 573 -6.49 17.34 25.30
C LYS A 573 -7.12 18.16 24.20
N ALA A 574 -6.36 18.39 23.14
CA ALA A 574 -6.84 19.20 22.03
C ALA A 574 -7.87 18.42 21.17
N TYR A 575 -7.72 17.10 21.07
CA TYR A 575 -8.60 16.31 20.17
C TYR A 575 -9.02 15.03 20.87
N PRO A 576 -9.86 15.16 21.94
CA PRO A 576 -10.15 13.94 22.65
C PRO A 576 -10.87 12.87 21.82
N GLU A 577 -11.67 13.25 20.84
CA GLU A 577 -12.40 12.26 20.07
C GLU A 577 -11.43 11.43 19.15
N ASN A 578 -10.53 12.15 18.49
CA ASN A 578 -9.56 11.50 17.60
C ASN A 578 -8.67 10.58 18.36
N VAL A 579 -8.21 10.97 19.57
CA VAL A 579 -7.31 10.15 20.33
C VAL A 579 -8.11 8.98 20.90
N LYS A 580 -9.38 9.20 21.22
CA LYS A 580 -10.18 8.09 21.70
C LYS A 580 -10.35 7.01 20.60
N SER A 581 -10.56 7.48 19.37
CA SER A 581 -10.60 6.53 18.26
C SER A 581 -9.22 5.82 18.07
N ARG A 582 -8.10 6.55 18.24
CA ARG A 582 -6.78 5.95 18.03
C ARG A 582 -6.56 4.81 19.01
N ASP A 583 -6.93 5.12 20.25
CA ASP A 583 -6.81 4.21 21.35
C ASP A 583 -7.81 3.07 21.20
N TYR A 584 -8.97 3.35 20.61
CA TYR A 584 -9.90 2.26 20.24
C TYR A 584 -9.25 1.33 19.24
N MET A 585 -8.59 1.88 18.22
CA MET A 585 -7.86 1.01 17.22
C MET A 585 -6.68 0.20 17.86
N LYS A 586 -5.83 0.87 18.64
CA LYS A 586 -4.79 0.14 19.42
C LYS A 586 -5.37 -1.06 20.22
N GLY A 587 -6.50 -0.84 20.89
CA GLY A 587 -7.10 -1.91 21.70
C GLY A 587 -7.70 -3.01 20.85
N LEU A 588 -8.29 -2.64 19.71
CA LEU A 588 -8.84 -3.63 18.77
C LEU A 588 -7.73 -4.50 18.25
N ILE A 589 -6.57 -3.86 17.96
CA ILE A 589 -5.41 -4.66 17.50
C ILE A 589 -4.92 -5.67 18.57
N ALA A 590 -4.80 -5.18 19.79
CA ALA A 590 -4.47 -5.99 20.95
C ALA A 590 -5.49 -7.09 21.19
N LEU A 591 -6.76 -6.75 21.03
CA LEU A 591 -7.83 -7.81 21.06
C LEU A 591 -7.56 -8.91 20.00
N ARG A 592 -7.33 -8.53 18.75
CA ARG A 592 -7.12 -9.56 17.69
C ARG A 592 -5.92 -10.44 17.97
N GLN A 593 -4.87 -9.84 18.55
CA GLN A 593 -3.62 -10.57 18.80
C GLN A 593 -3.67 -11.46 20.02
N SER A 594 -4.71 -11.30 20.84
CA SER A 594 -4.82 -12.04 22.10
C SER A 594 -5.37 -13.46 21.93
N THR A 595 -5.87 -13.76 20.71
CA THR A 595 -6.57 -15.01 20.51
C THR A 595 -6.59 -15.34 19.00
N ASP A 596 -6.56 -16.61 18.64
CA ASP A 596 -6.71 -16.77 17.17
C ASP A 596 -8.13 -17.00 16.72
N ALA A 597 -9.07 -16.70 17.60
CA ALA A 597 -10.49 -16.75 17.28
C ALA A 597 -10.78 -15.88 16.04
N PHE A 598 -10.15 -14.69 15.97
CA PHE A 598 -10.41 -13.77 14.83
C PHE A 598 -9.56 -14.02 13.57
N ARG A 599 -8.70 -15.02 13.66
CA ARG A 599 -7.76 -15.29 12.61
C ARG A 599 -7.56 -16.78 12.37
N LEU A 600 -8.70 -17.47 12.19
CA LEU A 600 -8.68 -18.88 11.86
C LEU A 600 -7.93 -19.04 10.51
N LYS A 601 -7.32 -20.22 10.37
CA LYS A 601 -6.39 -20.49 9.29
C LYS A 601 -6.89 -21.31 8.11
N SER A 602 -8.16 -21.67 8.15
CA SER A 602 -8.73 -22.44 7.04
C SER A 602 -10.22 -22.14 6.95
N LEU A 603 -10.80 -22.29 5.74
CA LEU A 603 -12.22 -22.19 5.47
C LEU A 603 -13.03 -23.20 6.32
N GLN A 604 -12.53 -24.44 6.41
CA GLN A 604 -13.27 -25.50 7.12
C GLN A 604 -13.35 -25.12 8.62
N ASP A 605 -12.23 -24.67 9.17
CA ASP A 605 -12.26 -24.22 10.54
C ASP A 605 -13.21 -23.05 10.77
N ILE A 606 -13.38 -22.14 9.78
CA ILE A 606 -14.30 -21.01 9.97
C ILE A 606 -15.75 -21.53 9.89
N LYS A 607 -15.99 -22.47 8.97
CA LYS A 607 -17.35 -23.08 8.84
C LYS A 607 -17.78 -23.71 10.16
N ASP A 608 -16.88 -24.52 10.75
CA ASP A 608 -17.11 -25.19 12.05
C ASP A 608 -17.31 -24.21 13.20
N ARG A 609 -16.54 -23.09 13.23
CA ARG A 609 -16.44 -22.28 14.45
C ARG A 609 -17.21 -20.99 14.54
N VAL A 610 -17.65 -20.45 13.40
CA VAL A 610 -18.29 -19.12 13.38
C VAL A 610 -19.76 -19.21 13.02
N HIS A 611 -20.66 -18.68 13.84
CA HIS A 611 -22.10 -18.84 13.60
C HIS A 611 -22.81 -17.57 13.77
N LEU A 612 -23.63 -17.29 12.77
CA LEU A 612 -24.51 -16.16 12.83
C LEU A 612 -25.63 -16.21 13.97
N ILE A 613 -25.74 -15.17 14.79
CA ILE A 613 -26.77 -15.10 15.78
C ILE A 613 -27.95 -14.23 15.29
N THR A 614 -27.66 -13.18 14.51
CA THR A 614 -28.74 -12.29 14.05
C THR A 614 -29.23 -12.87 12.71
N VAL A 615 -30.13 -13.85 12.77
CA VAL A 615 -30.70 -14.48 11.55
C VAL A 615 -31.67 -13.47 10.93
N PRO A 616 -31.43 -13.13 9.68
CA PRO A 616 -32.22 -12.06 9.02
C PRO A 616 -33.70 -12.49 8.89
N GLY A 617 -34.61 -11.59 9.27
CA GLY A 617 -36.05 -11.85 9.24
C GLY A 617 -36.65 -12.22 10.60
N GLN A 618 -35.80 -12.58 11.56
CA GLN A 618 -36.26 -13.03 12.88
C GLN A 618 -35.84 -12.09 13.97
N ASN A 619 -36.77 -11.91 14.93
CA ASN A 619 -36.53 -11.23 16.17
C ASN A 619 -36.13 -9.75 16.01
N GLY A 620 -36.80 -9.04 15.10
CA GLY A 620 -36.46 -7.64 14.86
C GLY A 620 -35.28 -7.38 13.90
N VAL A 621 -34.59 -8.44 13.44
CA VAL A 621 -33.59 -8.30 12.35
C VAL A 621 -34.19 -8.47 10.94
N GLU A 622 -34.26 -7.38 10.18
CA GLU A 622 -34.72 -7.44 8.79
C GLU A 622 -33.73 -8.17 7.86
N LYS A 623 -34.27 -8.68 6.76
CA LYS A 623 -33.45 -9.27 5.73
C LYS A 623 -32.20 -8.38 5.38
N GLU A 624 -32.45 -7.08 5.26
CA GLU A 624 -31.39 -6.06 5.14
C GLU A 624 -31.52 -5.11 6.28
N ASP A 625 -30.43 -4.93 7.02
CA ASP A 625 -30.48 -4.19 8.25
C ASP A 625 -29.09 -3.54 8.53
N VAL A 626 -29.01 -2.83 9.67
CA VAL A 626 -27.75 -2.14 10.03
C VAL A 626 -27.25 -2.70 11.38
N VAL A 627 -27.59 -3.96 11.63
CA VAL A 627 -27.14 -4.72 12.80
C VAL A 627 -26.60 -6.03 12.36
N ILE A 628 -25.69 -6.59 13.14
CA ILE A 628 -25.26 -7.96 12.95
C ILE A 628 -24.66 -8.47 14.26
N GLY A 629 -24.69 -9.78 14.45
CA GLY A 629 -24.29 -10.46 15.67
C GLY A 629 -23.90 -11.89 15.36
N TYR A 630 -22.72 -12.32 15.82
CA TYR A 630 -22.27 -13.65 15.52
C TYR A 630 -21.33 -14.19 16.58
N GLN A 631 -21.13 -15.49 16.56
CA GLN A 631 -20.30 -16.11 17.62
C GLN A 631 -19.12 -16.79 17.04
N ILE A 632 -18.00 -16.79 17.77
CA ILE A 632 -16.91 -17.69 17.37
C ILE A 632 -16.54 -18.64 18.49
N THR A 633 -16.35 -19.92 18.20
CA THR A 633 -15.76 -20.81 19.20
C THR A 633 -14.25 -20.85 18.87
N ALA A 634 -13.40 -20.23 19.72
CA ALA A 634 -11.91 -20.15 19.54
C ALA A 634 -11.35 -21.55 19.61
N PRO A 635 -10.16 -21.79 19.02
CA PRO A 635 -9.50 -23.08 19.12
C PRO A 635 -9.22 -23.60 20.53
N ASN A 636 -9.08 -22.69 21.50
CA ASN A 636 -8.89 -23.20 22.88
C ASN A 636 -10.22 -23.46 23.55
N GLY A 637 -11.34 -23.23 22.85
CA GLY A 637 -12.65 -23.50 23.43
C GLY A 637 -13.37 -22.32 24.05
N ASP A 638 -12.69 -21.17 24.18
CA ASP A 638 -13.37 -19.94 24.59
C ASP A 638 -14.30 -19.46 23.51
N ILE A 639 -15.32 -18.74 23.92
CA ILE A 639 -16.38 -18.25 23.05
C ILE A 639 -16.35 -16.76 22.96
N TYR A 640 -16.15 -16.27 21.74
CA TYR A 640 -16.23 -14.87 21.51
C TYR A 640 -17.52 -14.51 20.77
N ALA A 641 -18.00 -13.31 20.97
CA ALA A 641 -19.15 -12.86 20.19
C ALA A 641 -18.95 -11.41 19.80
N VAL A 642 -19.34 -11.08 18.58
CA VAL A 642 -19.28 -9.69 18.08
C VAL A 642 -20.70 -9.28 17.80
N PHE A 643 -21.12 -8.13 18.35
CA PHE A 643 -22.41 -7.56 18.08
C PHE A 643 -22.20 -6.12 17.64
N VAL A 644 -22.84 -5.73 16.52
CA VAL A 644 -22.74 -4.37 15.99
C VAL A 644 -24.13 -3.80 15.80
N ASN A 645 -24.37 -2.69 16.44
CA ASN A 645 -25.60 -1.96 16.19
C ASN A 645 -25.27 -0.64 15.51
N ALA A 646 -25.36 -0.63 14.18
CA ALA A 646 -25.15 0.60 13.39
C ALA A 646 -26.44 1.43 13.10
N ASP A 647 -27.50 1.13 13.85
CA ASP A 647 -28.72 1.89 13.78
C ASP A 647 -28.60 3.10 14.67
N GLU A 648 -29.45 4.08 14.37
CA GLU A 648 -29.55 5.34 15.10
C GLU A 648 -30.50 5.23 16.29
N LYS A 649 -30.91 4.00 16.61
CA LYS A 649 -31.67 3.77 17.83
C LYS A 649 -31.04 2.57 18.51
N ALA A 650 -31.31 2.42 19.81
CA ALA A 650 -31.03 1.19 20.51
C ALA A 650 -31.63 -0.08 19.79
N ARG A 651 -30.87 -1.17 19.72
CA ARG A 651 -31.35 -2.43 19.14
C ARG A 651 -31.11 -3.66 20.04
N GLU A 652 -32.08 -4.58 20.03
CA GLU A 652 -31.97 -5.82 20.80
C GLU A 652 -31.52 -6.98 19.97
N PHE A 653 -30.68 -7.80 20.55
CA PHE A 653 -30.13 -9.00 19.91
C PHE A 653 -30.60 -10.17 20.72
N ASN A 654 -31.28 -11.10 20.07
CA ASN A 654 -31.94 -12.18 20.73
C ASN A 654 -31.01 -13.35 20.93
N LEU A 655 -30.81 -13.74 22.19
CA LEU A 655 -29.97 -14.89 22.54
C LEU A 655 -30.76 -16.20 22.70
N GLY A 656 -31.93 -16.09 23.33
CA GLY A 656 -32.74 -17.26 23.73
C GLY A 656 -31.94 -18.30 24.48
N THR A 657 -32.28 -19.57 24.30
CA THR A 657 -31.57 -20.65 25.01
C THR A 657 -30.26 -21.02 24.29
N ALA A 658 -30.22 -20.83 22.96
CA ALA A 658 -29.07 -21.23 22.14
C ALA A 658 -27.79 -20.45 22.47
N PHE A 659 -27.97 -19.20 22.88
CA PHE A 659 -26.88 -18.25 23.12
C PHE A 659 -26.87 -17.66 24.54
N ALA A 660 -27.59 -18.34 25.43
CA ALA A 660 -27.77 -17.89 26.82
C ALA A 660 -26.43 -17.73 27.51
N HIS A 661 -25.48 -18.65 27.23
CA HIS A 661 -24.08 -18.64 27.69
C HIS A 661 -23.28 -17.30 27.50
N LEU A 662 -23.80 -16.43 26.64
CA LEU A 662 -23.13 -15.16 26.44
C LEU A 662 -23.46 -14.20 27.55
N ARG A 663 -24.41 -14.56 28.41
CA ARG A 663 -24.82 -13.59 29.47
C ARG A 663 -23.77 -13.35 30.55
N ASN A 664 -22.93 -14.35 30.80
CA ASN A 664 -21.89 -14.19 31.84
C ASN A 664 -20.49 -13.96 31.26
N ALA A 665 -20.48 -13.31 30.10
CA ALA A 665 -19.26 -13.01 29.42
C ALA A 665 -18.65 -11.70 29.96
N GLU A 666 -17.33 -11.66 29.89
CA GLU A 666 -16.58 -10.40 29.98
C GLU A 666 -16.79 -9.63 28.71
N VAL A 667 -16.90 -8.31 28.86
CA VAL A 667 -17.03 -7.41 27.73
C VAL A 667 -15.60 -6.89 27.40
N LEU A 668 -15.12 -7.18 26.18
CA LEU A 668 -13.76 -6.80 25.67
C LEU A 668 -13.73 -5.44 24.92
N ALA A 669 -14.89 -4.99 24.45
CA ALA A 669 -15.07 -3.68 23.76
C ALA A 669 -16.45 -3.23 23.99
N ASP A 670 -16.59 -1.92 24.13
CA ASP A 670 -17.87 -1.30 24.31
C ASP A 670 -17.85 0.02 23.56
N GLU A 671 -18.68 0.98 23.92
CA GLU A 671 -18.75 2.20 23.18
C GLU A 671 -17.53 3.15 23.36
N ASN A 672 -16.70 2.92 24.37
CA ASN A 672 -15.56 3.78 24.66
C ASN A 672 -14.17 3.16 24.39
N GLN A 673 -14.05 1.85 24.56
CA GLN A 673 -12.73 1.20 24.57
C GLN A 673 -12.80 -0.22 24.08
N ALA A 674 -11.62 -0.76 23.75
CA ALA A 674 -11.46 -2.11 23.29
C ALA A 674 -10.16 -2.65 23.81
N GLY A 675 -10.07 -3.96 24.00
CA GLY A 675 -8.81 -4.59 24.33
C GLY A 675 -9.02 -5.99 24.78
N PRO A 676 -7.95 -6.63 25.27
CA PRO A 676 -8.03 -8.02 25.64
C PRO A 676 -8.47 -8.30 27.09
N VAL A 677 -8.64 -7.27 27.90
CA VAL A 677 -8.98 -7.47 29.32
C VAL A 677 -10.45 -7.06 29.49
N GLY A 678 -11.20 -7.86 30.25
CA GLY A 678 -12.58 -7.52 30.57
C GLY A 678 -12.73 -6.09 31.08
N ILE A 679 -13.72 -5.37 30.55
CA ILE A 679 -13.98 -3.97 30.95
C ILE A 679 -14.80 -3.97 32.26
N ALA A 680 -14.30 -3.24 33.27
CA ALA A 680 -14.89 -3.31 34.64
C ALA A 680 -16.37 -2.93 34.62
N ASN A 681 -16.69 -1.71 34.13
CA ASN A 681 -18.08 -1.23 34.01
C ASN A 681 -18.49 -0.89 32.55
N PRO A 682 -18.84 -1.91 31.75
CA PRO A 682 -19.07 -1.74 30.30
C PRO A 682 -20.23 -0.79 29.95
N LYS A 683 -19.99 0.09 28.99
CA LYS A 683 -20.95 1.17 28.63
C LYS A 683 -21.56 0.93 27.25
N GLY A 684 -22.79 1.41 27.05
CA GLY A 684 -23.59 1.07 25.88
C GLY A 684 -24.23 -0.32 25.78
N LEU A 685 -24.17 -1.14 26.83
CA LEU A 685 -24.80 -2.49 26.81
C LEU A 685 -25.85 -2.59 27.86
N GLU A 686 -26.88 -3.38 27.60
CA GLU A 686 -27.89 -3.63 28.64
C GLU A 686 -28.39 -5.05 28.46
N TRP A 687 -28.31 -5.85 29.53
CA TRP A 687 -28.85 -7.21 29.46
C TRP A 687 -30.36 -7.19 29.63
N THR A 688 -31.07 -7.93 28.80
CA THR A 688 -32.54 -7.93 28.80
C THR A 688 -32.99 -9.36 28.88
N GLU A 689 -34.31 -9.53 28.98
CA GLU A 689 -34.94 -10.85 28.97
C GLU A 689 -34.67 -11.67 27.69
N LYS A 690 -34.83 -11.08 26.48
CA LYS A 690 -34.55 -11.84 25.24
C LYS A 690 -33.05 -12.02 24.91
N GLY A 691 -32.22 -11.09 25.38
CA GLY A 691 -30.79 -11.19 25.15
C GLY A 691 -30.05 -9.95 25.55
N LEU A 692 -29.58 -9.21 24.55
CA LEU A 692 -28.68 -8.08 24.76
C LEU A 692 -29.11 -6.86 23.94
N LYS A 693 -29.18 -5.69 24.58
CA LYS A 693 -29.45 -4.43 23.92
C LYS A 693 -28.24 -3.47 23.85
N LEU A 694 -27.82 -3.11 22.63
CA LEU A 694 -26.82 -2.06 22.38
C LEU A 694 -27.41 -0.73 22.08
N ASN A 695 -26.87 0.32 22.69
CA ASN A 695 -27.17 1.70 22.28
C ASN A 695 -26.95 1.96 20.80
N ALA A 696 -27.57 2.99 20.29
CA ALA A 696 -27.41 3.42 18.93
C ALA A 696 -25.89 3.49 18.61
N LEU A 697 -25.52 3.16 17.40
CA LEU A 697 -24.10 3.33 16.94
C LEU A 697 -23.08 2.78 17.94
N THR A 698 -23.28 1.53 18.36
CA THR A 698 -22.47 0.90 19.37
C THR A 698 -22.15 -0.52 18.92
N ALA A 699 -20.90 -0.97 19.16
CA ALA A 699 -20.51 -2.31 18.91
C ALA A 699 -19.90 -2.91 20.20
N THR A 700 -19.90 -4.24 20.30
CA THR A 700 -19.28 -4.93 21.43
C THR A 700 -18.66 -6.24 21.05
N VAL A 701 -17.71 -6.67 21.86
CA VAL A 701 -17.13 -7.96 21.72
C VAL A 701 -17.17 -8.58 23.12
N LEU A 702 -17.62 -9.85 23.20
CA LEU A 702 -17.75 -10.60 24.42
C LEU A 702 -16.82 -11.76 24.45
N ARG A 703 -16.45 -12.20 25.64
CA ARG A 703 -15.68 -13.42 25.79
C ARG A 703 -16.21 -14.23 26.94
N VAL A 704 -16.49 -15.51 26.69
CA VAL A 704 -16.66 -16.49 27.77
C VAL A 704 -15.43 -17.38 27.91
N SER A 705 -14.75 -17.28 29.04
CA SER A 705 -13.56 -18.05 29.30
C SER A 705 -13.93 -19.42 29.87
N GLN A 706 -13.65 -20.52 29.18
CA GLN A 706 -13.92 -21.85 29.70
C GLN A 706 -13.18 -22.13 31.05
N ASN A 707 -12.02 -21.51 31.28
CA ASN A 707 -11.41 -21.75 32.63
C ASN A 707 -12.13 -21.25 33.89
N GLY A 708 -13.23 -20.51 33.75
CA GLY A 708 -14.05 -20.10 34.88
C GLY A 708 -15.37 -20.87 34.97
N THR A 709 -15.51 -21.99 34.28
CA THR A 709 -16.84 -22.68 34.15
C THR A 709 -17.00 -23.91 35.08
N SER A 710 -18.24 -24.42 35.21
CA SER A 710 -18.60 -25.54 36.17
C SER A 710 -17.92 -26.91 35.91
N HIS A 711 -17.62 -27.62 37.00
CA HIS A 711 -17.11 -28.99 36.89
C HIS A 711 -18.27 -30.02 36.68
N GLU A 712 -19.50 -29.64 37.03
CA GLU A 712 -20.62 -30.60 37.13
C GLU A 712 -21.60 -30.58 35.93
N SER A 713 -21.84 -29.39 35.37
CA SER A 713 -22.76 -29.23 34.23
C SER A 713 -22.11 -29.72 32.92
N THR A 714 -21.83 -31.01 32.80
CA THR A 714 -20.97 -31.45 31.70
C THR A 714 -21.13 -32.96 31.43
#